data_7T0Y
#
_entry.id   7T0Y
#
_cell.length_a   83.528
_cell.length_b   160.387
_cell.length_c   50.615
_cell.angle_alpha   90.000
_cell.angle_beta   90.000
_cell.angle_gamma   90.000
#
_symmetry.space_group_name_H-M   'P 21 21 2'
#
loop_
_entity.id
_entity.type
_entity.pdbx_description
1 polymer 'Serine/threonine-protein phosphatase PP1-alpha catalytic subunit'
2 polymer 'Ribosomal RNA processing protein 1 homolog B'
3 non-polymer 1,2-ETHANEDIOL
4 non-polymer 'MANGANESE (II) ION'
5 non-polymer 'FLUORIDE ION'
6 non-polymer 'BROMIDE ION'
7 water water
#
loop_
_entity_poly.entity_id
_entity_poly.type
_entity_poly.pdbx_seq_one_letter_code
_entity_poly.pdbx_strand_id
1 'polypeptide(L)'
;GHMGSLNLDSIIGRLLEVRGSRPGKNVQLTENEIRGLCLKSREIFLSQPILLELEAPLKICGDIHGQYYDLLRLFEYGGF
PPESNYLFLGDYVDRGKQSLETICLLLAYKIKYPENFFLLRGNHECASINRIYGFYDECKRRYNIKLWKTFTDCFNCLPI
AAIVDEKIFCCHGGLSPDLQSMEQIRRIMRPTDVPDQGLLCDLLWSDPDKDVQGWGENDRGVSFTFGAEVVAKFLHKHDL
DLICRAHQVVEDGYEFFAKRQLVTLFSAPNYCGEFDNAGAMMSVDETLMCSFQILKPAD
;
A,C
2 'polypeptide(L)' GKKVTFGLNRNMTAEFKKTDKSILVSPTGPSRVAFDPEQKPLHGVLK B,D
#
loop_
_chem_comp.id
_chem_comp.type
_chem_comp.name
_chem_comp.formula
BR non-polymer 'BROMIDE ION' 'Br -1'
EDO non-polymer 1,2-ETHANEDIOL 'C2 H6 O2'
F non-polymer 'FLUORIDE ION' 'F -1'
MN non-polymer 'MANGANESE (II) ION' 'Mn 2'
#
# COMPACT_ATOMS: atom_id res chain seq x y z
N GLY A 1 -12.47 8.26 40.05
CA GLY A 1 -12.29 7.18 41.00
C GLY A 1 -10.86 6.64 41.01
N HIS A 2 -10.69 5.48 41.63
CA HIS A 2 -9.37 4.85 41.74
C HIS A 2 -8.74 4.69 40.37
N MET A 3 -7.51 5.20 40.22
CA MET A 3 -6.82 5.24 38.93
C MET A 3 -6.29 3.87 38.52
N GLY A 4 -5.56 3.21 39.40
CA GLY A 4 -4.80 2.03 39.02
C GLY A 4 -3.49 2.38 38.33
N SER A 5 -2.50 1.49 38.49
CA SER A 5 -1.18 1.76 37.93
C SER A 5 -1.20 1.85 36.41
N LEU A 6 -2.12 1.14 35.75
CA LEU A 6 -2.17 1.15 34.30
C LEU A 6 -2.78 2.42 33.72
N ASN A 7 -3.46 3.21 34.56
CA ASN A 7 -4.16 4.42 34.10
C ASN A 7 -5.10 4.08 32.95
N LEU A 8 -5.77 2.94 33.07
CA LEU A 8 -6.47 2.30 31.95
C LEU A 8 -7.62 3.17 31.44
N ASP A 9 -8.49 3.65 32.34
CA ASP A 9 -9.63 4.45 31.91
C ASP A 9 -9.19 5.71 31.17
N SER A 10 -8.07 6.30 31.58
CA SER A 10 -7.56 7.48 30.90
C SER A 10 -7.06 7.13 29.51
N ILE A 11 -6.39 5.99 29.38
CA ILE A 11 -5.90 5.53 28.09
C ILE A 11 -7.06 5.30 27.13
N ILE A 12 -8.11 4.62 27.59
CA ILE A 12 -9.25 4.37 26.72
C ILE A 12 -9.91 5.69 26.32
N GLY A 13 -10.06 6.61 27.27
CA GLY A 13 -10.65 7.90 26.94
C GLY A 13 -9.88 8.63 25.86
N ARG A 14 -8.55 8.65 25.97
CA ARG A 14 -7.75 9.32 24.95
C ARG A 14 -7.78 8.60 23.62
N LEU A 15 -7.87 7.28 23.62
CA LEU A 15 -7.95 6.56 22.35
C LEU A 15 -9.27 6.83 21.66
N LEU A 16 -10.36 6.94 22.44
CA LEU A 16 -11.69 7.16 21.90
C LEU A 16 -12.00 8.62 21.62
N GLU A 17 -11.15 9.53 22.12
CA GLU A 17 -11.33 10.96 21.92
C GLU A 17 -11.49 11.32 20.45
N VAL A 18 -10.79 10.61 19.58
CA VAL A 18 -10.71 11.01 18.17
C VAL A 18 -11.90 10.50 17.37
N ARG A 19 -12.89 9.89 18.05
CA ARG A 19 -14.19 9.68 17.42
C ARG A 19 -14.74 10.96 16.81
N GLY A 20 -14.43 12.11 17.40
CA GLY A 20 -14.93 13.38 16.91
C GLY A 20 -13.95 14.16 16.08
N SER A 21 -12.88 13.51 15.62
CA SER A 21 -11.79 14.13 14.90
C SER A 21 -11.76 13.71 13.43
N ARG A 22 -11.02 14.47 12.64
CA ARG A 22 -10.79 14.08 11.25
C ARG A 22 -9.95 12.81 11.22
N PRO A 23 -10.39 11.77 10.50
CA PRO A 23 -9.63 10.52 10.49
C PRO A 23 -8.18 10.76 10.08
N GLY A 24 -7.28 10.06 10.76
CA GLY A 24 -5.85 10.19 10.55
C GLY A 24 -5.11 10.77 11.73
N LYS A 25 -5.80 11.45 12.65
CA LYS A 25 -5.12 12.05 13.79
C LYS A 25 -4.57 10.96 14.69
N ASN A 26 -3.32 11.12 15.12
CA ASN A 26 -2.69 10.16 16.02
C ASN A 26 -3.20 10.33 17.44
N VAL A 27 -3.14 9.26 18.22
CA VAL A 27 -3.24 9.31 19.68
C VAL A 27 -1.89 8.80 20.19
N GLN A 28 -1.11 9.68 20.82
CA GLN A 28 0.26 9.35 21.21
C GLN A 28 0.27 9.10 22.72
N LEU A 29 0.10 7.84 23.09
CA LEU A 29 0.22 7.43 24.49
C LEU A 29 1.68 7.49 24.93
N THR A 30 1.91 7.42 26.25
CA THR A 30 3.30 7.29 26.66
C THR A 30 3.78 5.87 26.44
N GLU A 31 5.10 5.73 26.35
CA GLU A 31 5.70 4.41 26.26
C GLU A 31 5.29 3.53 27.43
N ASN A 32 5.39 4.04 28.66
CA ASN A 32 5.04 3.20 29.80
C ASN A 32 3.56 2.84 29.82
N GLU A 33 2.70 3.72 29.29
CA GLU A 33 1.29 3.34 29.16
C GLU A 33 1.14 2.14 28.24
N ILE A 34 1.82 2.16 27.09
CA ILE A 34 1.71 1.05 26.15
C ILE A 34 2.30 -0.23 26.73
N ARG A 35 3.49 -0.12 27.36
CA ARG A 35 4.08 -1.30 27.99
C ARG A 35 3.12 -1.90 29.02
N GLY A 36 2.45 -1.05 29.80
CA GLY A 36 1.46 -1.56 30.75
C GLY A 36 0.36 -2.37 30.07
N LEU A 37 -0.15 -1.86 28.95
CA LEU A 37 -1.15 -2.61 28.19
C LEU A 37 -0.61 -3.97 27.78
N CYS A 38 0.64 -4.01 27.31
CA CYS A 38 1.22 -5.26 26.84
C CYS A 38 1.38 -6.26 27.98
N LEU A 39 1.88 -5.79 29.13
CA LEU A 39 2.20 -6.70 30.23
C LEU A 39 0.95 -7.24 30.90
N LYS A 40 -0.07 -6.39 31.10
CA LYS A 40 -1.30 -6.87 31.72
C LYS A 40 -2.07 -7.78 30.78
N SER A 41 -2.18 -7.42 29.50
CA SER A 41 -2.89 -8.28 28.57
C SER A 41 -2.16 -9.60 28.40
N ARG A 42 -0.82 -9.57 28.38
CA ARG A 42 -0.06 -10.81 28.35
C ARG A 42 -0.45 -11.72 29.51
N GLU A 43 -0.53 -11.16 30.72
CA GLU A 43 -0.93 -11.99 31.87
C GLU A 43 -2.33 -12.54 31.69
N ILE A 44 -3.26 -11.70 31.20
CA ILE A 44 -4.61 -12.18 30.98
C ILE A 44 -4.64 -13.28 29.93
N PHE A 45 -3.95 -13.09 28.81
CA PHE A 45 -3.88 -14.12 27.76
C PHE A 45 -3.43 -15.46 28.35
N LEU A 46 -2.35 -15.46 29.14
CA LEU A 46 -1.84 -16.71 29.67
C LEU A 46 -2.78 -17.33 30.69
N SER A 47 -3.62 -16.53 31.36
CA SER A 47 -4.56 -17.06 32.34
C SER A 47 -5.80 -17.68 31.71
N GLN A 48 -6.06 -17.43 30.43
CA GLN A 48 -7.18 -18.03 29.73
C GLN A 48 -6.67 -19.06 28.72
N PRO A 49 -7.51 -20.00 28.30
CA PRO A 49 -7.03 -21.09 27.45
C PRO A 49 -6.56 -20.60 26.09
N ILE A 50 -5.64 -21.37 25.50
CA ILE A 50 -5.17 -21.09 24.16
C ILE A 50 -6.22 -21.46 23.12
N LEU A 51 -7.13 -22.37 23.47
CA LEU A 51 -8.30 -22.71 22.67
C LEU A 51 -9.51 -22.20 23.44
N LEU A 52 -9.99 -21.01 23.07
CA LEU A 52 -11.06 -20.38 23.83
C LEU A 52 -12.39 -21.07 23.56
N GLU A 53 -13.12 -21.38 24.62
CA GLU A 53 -14.48 -21.91 24.50
C GLU A 53 -15.45 -20.82 24.91
N LEU A 54 -16.19 -20.28 23.94
CA LEU A 54 -16.99 -19.08 24.13
C LEU A 54 -18.48 -19.38 23.96
N GLU A 55 -19.30 -18.53 24.56
CA GLU A 55 -20.75 -18.57 24.40
C GLU A 55 -21.21 -17.41 23.52
N ALA A 56 -22.30 -17.63 22.78
CA ALA A 56 -23.00 -16.52 22.18
C ALA A 56 -23.79 -15.79 23.27
N PRO A 57 -24.16 -14.52 23.05
CA PRO A 57 -24.02 -13.67 21.86
C PRO A 57 -22.61 -13.08 21.72
N LEU A 58 -22.22 -12.82 20.48
CA LEU A 58 -20.85 -12.48 20.17
C LEU A 58 -20.81 -11.84 18.78
N LYS A 59 -19.96 -10.82 18.62
CA LYS A 59 -19.66 -10.28 17.30
C LYS A 59 -18.22 -10.63 16.94
N ILE A 60 -18.03 -11.22 15.76
CA ILE A 60 -16.73 -11.73 15.34
C ILE A 60 -16.19 -10.85 14.22
N CYS A 61 -14.93 -10.46 14.32
CA CYS A 61 -14.32 -9.52 13.40
C CYS A 61 -13.07 -10.10 12.76
N GLY A 62 -12.86 -9.77 11.48
CA GLY A 62 -11.66 -10.13 10.75
C GLY A 62 -10.59 -9.05 10.79
N ASP A 63 -9.70 -9.10 9.79
CA ASP A 63 -8.49 -8.29 9.78
C ASP A 63 -8.79 -6.81 9.95
N ILE A 64 -7.92 -6.12 10.68
CA ILE A 64 -7.99 -4.67 10.84
C ILE A 64 -6.78 -3.99 10.20
N HIS A 65 -5.60 -4.56 10.34
CA HIS A 65 -4.38 -4.05 9.71
C HIS A 65 -4.21 -2.55 9.90
N GLY A 66 -4.27 -2.12 11.15
CA GLY A 66 -3.87 -0.77 11.50
C GLY A 66 -4.78 0.33 11.01
N GLN A 67 -5.95 0.00 10.46
CA GLN A 67 -6.89 1.03 10.01
C GLN A 67 -7.72 1.46 11.21
N TYR A 68 -7.08 2.29 12.05
CA TYR A 68 -7.64 2.60 13.36
C TYR A 68 -9.03 3.22 13.27
N TYR A 69 -9.26 4.12 12.31
CA TYR A 69 -10.56 4.78 12.28
C TYR A 69 -11.65 3.85 11.77
N ASP A 70 -11.30 2.84 10.97
CA ASP A 70 -12.29 1.82 10.66
C ASP A 70 -12.57 0.94 11.87
N LEU A 71 -11.59 0.72 12.75
CA LEU A 71 -11.89 0.02 13.99
C LEU A 71 -12.90 0.81 14.81
N LEU A 72 -12.70 2.12 14.91
CA LEU A 72 -13.63 2.97 15.66
C LEU A 72 -15.02 2.95 15.04
N ARG A 73 -15.11 2.94 13.70
CA ARG A 73 -16.41 2.83 13.06
C ARG A 73 -17.08 1.49 13.38
N LEU A 74 -16.30 0.40 13.37
CA LEU A 74 -16.86 -0.91 13.71
C LEU A 74 -17.47 -0.91 15.11
N PHE A 75 -16.74 -0.35 16.09
CA PHE A 75 -17.30 -0.29 17.44
C PHE A 75 -18.50 0.65 17.50
N GLU A 76 -18.42 1.80 16.82
CA GLU A 76 -19.55 2.74 16.82
C GLU A 76 -20.79 2.09 16.24
N TYR A 77 -20.64 1.27 15.21
CA TYR A 77 -21.77 0.63 14.55
C TYR A 77 -22.20 -0.63 15.27
N GLY A 78 -21.24 -1.43 15.74
CA GLY A 78 -21.56 -2.68 16.41
C GLY A 78 -21.87 -2.55 17.89
N GLY A 79 -21.46 -1.43 18.48
CA GLY A 79 -21.62 -1.20 19.91
C GLY A 79 -20.29 -1.22 20.62
N PHE A 80 -20.00 -0.20 21.42
CA PHE A 80 -18.72 -0.19 22.13
C PHE A 80 -18.74 -1.20 23.27
N PRO A 81 -17.65 -1.92 23.50
CA PRO A 81 -17.59 -2.82 24.65
C PRO A 81 -17.97 -2.07 25.92
N PRO A 82 -18.73 -2.70 26.83
CA PRO A 82 -19.22 -4.06 26.80
C PRO A 82 -20.65 -4.19 26.26
N GLU A 83 -21.11 -3.18 25.52
CA GLU A 83 -22.44 -3.24 24.92
C GLU A 83 -22.60 -4.47 24.03
N SER A 84 -21.54 -4.84 23.33
CA SER A 84 -21.49 -6.10 22.61
C SER A 84 -20.26 -6.86 23.07
N ASN A 85 -20.31 -8.19 22.93
CA ASN A 85 -19.15 -9.04 23.16
C ASN A 85 -18.42 -9.19 21.83
N TYR A 86 -17.09 -9.23 21.89
CA TYR A 86 -16.28 -9.24 20.68
C TYR A 86 -15.24 -10.36 20.68
N LEU A 87 -15.09 -10.99 19.51
CA LEU A 87 -13.98 -11.89 19.23
C LEU A 87 -13.34 -11.43 17.93
N PHE A 88 -12.08 -11.02 17.99
CA PHE A 88 -11.30 -10.68 16.79
C PHE A 88 -10.41 -11.86 16.40
N LEU A 89 -10.19 -12.00 15.09
CA LEU A 89 -9.50 -13.16 14.54
C LEU A 89 -8.05 -12.90 14.16
N GLY A 90 -7.48 -11.78 14.56
CA GLY A 90 -6.07 -11.51 14.32
C GLY A 90 -5.85 -10.45 13.24
N ASP A 91 -4.57 -10.24 12.92
CA ASP A 91 -4.10 -9.24 11.95
C ASP A 91 -4.59 -7.83 12.33
N TYR A 92 -4.13 -7.41 13.51
CA TYR A 92 -4.35 -6.08 14.04
C TYR A 92 -3.36 -5.06 13.51
N VAL A 93 -2.13 -5.49 13.23
CA VAL A 93 -1.06 -4.59 12.84
C VAL A 93 -0.65 -4.85 11.40
N ASP A 94 0.24 -3.98 10.87
CA ASP A 94 0.80 -4.00 9.52
C ASP A 94 -0.14 -3.41 8.47
N ARG A 95 0.45 -2.88 7.39
CA ARG A 95 -0.19 -2.38 6.17
C ARG A 95 -0.80 -1.00 6.38
N GLY A 96 -1.61 -0.83 7.43
CA GLY A 96 -2.25 0.44 7.69
C GLY A 96 -1.34 1.43 8.39
N LYS A 97 -1.89 2.61 8.63
CA LYS A 97 -1.09 3.75 9.10
C LYS A 97 -1.00 3.84 10.61
N GLN A 98 -1.90 3.17 11.34
CA GLN A 98 -2.03 3.37 12.78
C GLN A 98 -2.19 2.03 13.50
N SER A 99 -1.25 1.11 13.23
CA SER A 99 -1.22 -0.14 13.98
C SER A 99 -1.14 0.11 15.47
N LEU A 100 -0.43 1.16 15.88
CA LEU A 100 -0.25 1.44 17.30
C LEU A 100 -1.57 1.71 18.00
N GLU A 101 -2.32 2.72 17.54
CA GLU A 101 -3.61 2.99 18.18
C GLU A 101 -4.52 1.77 18.13
N THR A 102 -4.49 1.04 17.01
CA THR A 102 -5.35 -0.13 16.84
C THR A 102 -5.09 -1.16 17.93
N ILE A 103 -3.84 -1.65 18.03
CA ILE A 103 -3.57 -2.71 18.99
C ILE A 103 -3.73 -2.20 20.42
N CYS A 104 -3.42 -0.93 20.67
CA CYS A 104 -3.54 -0.42 22.03
C CYS A 104 -4.99 -0.39 22.50
N LEU A 105 -5.90 0.08 21.66
CA LEU A 105 -7.32 0.04 22.03
C LEU A 105 -7.78 -1.40 22.23
N LEU A 106 -7.32 -2.32 21.38
CA LEU A 106 -7.73 -3.72 21.53
C LEU A 106 -7.19 -4.33 22.82
N LEU A 107 -5.92 -4.08 23.11
CA LEU A 107 -5.38 -4.61 24.37
C LEU A 107 -6.06 -3.99 25.58
N ALA A 108 -6.40 -2.71 25.50
CA ALA A 108 -7.03 -2.03 26.63
C ALA A 108 -8.42 -2.59 26.91
N TYR A 109 -9.19 -2.85 25.86
CA TYR A 109 -10.49 -3.50 26.05
C TYR A 109 -10.33 -4.93 26.57
N LYS A 110 -9.28 -5.64 26.14
CA LYS A 110 -9.01 -6.95 26.71
C LYS A 110 -8.85 -6.87 28.22
N ILE A 111 -8.11 -5.88 28.71
CA ILE A 111 -7.89 -5.71 30.14
C ILE A 111 -9.17 -5.25 30.82
N LYS A 112 -9.96 -4.41 30.14
CA LYS A 112 -11.12 -3.81 30.78
C LYS A 112 -12.25 -4.82 30.92
N TYR A 113 -12.43 -5.67 29.88
CA TYR A 113 -13.56 -6.60 29.81
C TYR A 113 -13.03 -7.99 29.49
N PRO A 114 -12.25 -8.59 30.39
CA PRO A 114 -11.48 -9.79 30.03
C PRO A 114 -12.31 -11.03 29.78
N GLU A 115 -13.55 -11.07 30.26
CA GLU A 115 -14.47 -12.18 30.01
C GLU A 115 -15.44 -11.88 28.88
N ASN A 116 -15.30 -10.74 28.21
CA ASN A 116 -16.27 -10.33 27.20
C ASN A 116 -15.61 -9.81 25.94
N PHE A 117 -14.28 -9.89 25.85
CA PHE A 117 -13.53 -9.32 24.74
C PHE A 117 -12.35 -10.25 24.49
N PHE A 118 -12.18 -10.66 23.23
CA PHE A 118 -11.23 -11.72 22.91
C PHE A 118 -10.51 -11.42 21.61
N LEU A 119 -9.23 -11.76 21.59
CA LEU A 119 -8.35 -11.51 20.45
C LEU A 119 -7.62 -12.80 20.15
N LEU A 120 -7.73 -13.28 18.91
CA LEU A 120 -6.91 -14.40 18.47
C LEU A 120 -5.65 -13.88 17.79
N ARG A 121 -4.69 -14.79 17.59
CA ARG A 121 -3.45 -14.46 16.89
C ARG A 121 -3.64 -14.62 15.38
N GLY A 122 -3.24 -13.60 14.63
CA GLY A 122 -3.15 -13.72 13.18
C GLY A 122 -1.69 -13.83 12.74
N ASN A 123 -1.50 -14.09 11.43
CA ASN A 123 -0.12 -14.30 11.02
C ASN A 123 0.73 -13.03 11.08
N HIS A 124 0.11 -11.86 11.21
CA HIS A 124 0.90 -10.65 11.37
C HIS A 124 1.25 -10.35 12.83
N GLU A 125 0.70 -11.11 13.79
CA GLU A 125 1.13 -10.97 15.19
C GLU A 125 2.33 -11.87 15.42
N CYS A 126 3.39 -11.54 14.68
CA CYS A 126 4.58 -12.38 14.54
C CYS A 126 5.73 -11.48 14.12
N ALA A 127 6.84 -11.54 14.86
CA ALA A 127 7.91 -10.57 14.63
C ALA A 127 8.50 -10.67 13.23
N SER A 128 8.71 -11.90 12.73
CA SER A 128 9.32 -12.04 11.42
C SER A 128 8.44 -11.45 10.32
N ILE A 129 7.14 -11.34 10.55
CA ILE A 129 6.23 -10.73 9.59
C ILE A 129 6.08 -9.24 9.82
N ASN A 130 5.76 -8.80 11.04
CA ASN A 130 5.50 -7.38 11.21
C ASN A 130 6.79 -6.56 11.34
N ARG A 131 7.96 -7.21 11.32
CA ARG A 131 9.19 -6.49 11.06
C ARG A 131 9.18 -5.86 9.68
N ILE A 132 8.54 -6.50 8.71
CA ILE A 132 8.63 -6.14 7.30
C ILE A 132 7.44 -5.30 6.84
N TYR A 133 6.24 -5.60 7.33
CA TYR A 133 5.03 -5.09 6.72
C TYR A 133 4.47 -3.88 7.44
N GLY A 134 5.26 -3.25 8.31
CA GLY A 134 4.90 -1.93 8.78
C GLY A 134 4.95 -1.65 10.28
N PHE A 135 4.65 -2.66 11.09
CA PHE A 135 4.51 -2.41 12.52
C PHE A 135 5.83 -2.03 13.16
N TYR A 136 6.91 -2.72 12.78
CA TYR A 136 8.24 -2.36 13.29
C TYR A 136 8.57 -0.90 12.98
N ASP A 137 8.39 -0.49 11.72
CA ASP A 137 8.68 0.91 11.34
C ASP A 137 7.85 1.89 12.16
N GLU A 138 6.58 1.56 12.38
CA GLU A 138 5.73 2.43 13.18
C GLU A 138 6.20 2.52 14.61
N CYS A 139 6.53 1.37 15.23
CA CYS A 139 7.06 1.40 16.59
C CYS A 139 8.34 2.22 16.67
N LYS A 140 9.25 2.02 15.71
CA LYS A 140 10.54 2.70 15.72
C LYS A 140 10.37 4.21 15.53
N ARG A 141 9.47 4.61 14.63
CA ARG A 141 9.28 6.02 14.35
C ARG A 141 8.65 6.75 15.54
N ARG A 142 7.60 6.20 16.11
CA ARG A 142 6.86 6.88 17.16
C ARG A 142 7.28 6.47 18.57
N TYR A 143 8.07 5.41 18.71
CA TYR A 143 8.54 5.04 20.04
C TYR A 143 9.99 4.58 19.92
N ASN A 144 10.25 3.31 20.17
CA ASN A 144 11.60 2.78 19.97
C ASN A 144 11.50 1.29 19.69
N ILE A 145 12.66 0.69 19.38
CA ILE A 145 12.70 -0.72 19.06
C ILE A 145 12.34 -1.57 20.27
N LYS A 146 12.71 -1.13 21.46
CA LYS A 146 12.41 -1.93 22.64
C LYS A 146 10.91 -2.13 22.79
N LEU A 147 10.11 -1.11 22.48
CA LEU A 147 8.67 -1.28 22.62
C LEU A 147 8.13 -2.30 21.61
N TRP A 148 8.69 -2.33 20.41
CA TRP A 148 8.32 -3.36 19.44
C TRP A 148 8.57 -4.75 20.00
N LYS A 149 9.73 -4.95 20.64
CA LYS A 149 9.98 -6.26 21.25
C LYS A 149 9.01 -6.56 22.37
N THR A 150 8.57 -5.54 23.11
CA THR A 150 7.55 -5.77 24.13
C THR A 150 6.24 -6.24 23.51
N PHE A 151 5.82 -5.62 22.40
CA PHE A 151 4.64 -6.11 21.69
C PHE A 151 4.83 -7.56 21.26
N THR A 152 6.00 -7.89 20.71
CA THR A 152 6.27 -9.26 20.26
C THR A 152 6.08 -10.27 21.39
N ASP A 153 6.61 -9.98 22.56
CA ASP A 153 6.46 -10.90 23.68
C ASP A 153 5.00 -11.05 24.09
N CYS A 154 4.23 -9.96 24.01
CA CYS A 154 2.79 -10.03 24.22
C CYS A 154 2.12 -10.89 23.17
N PHE A 155 2.37 -10.60 21.88
CA PHE A 155 1.75 -11.36 20.80
C PHE A 155 2.05 -12.85 20.90
N ASN A 156 3.25 -13.20 21.36
CA ASN A 156 3.59 -14.61 21.53
C ASN A 156 2.69 -15.33 22.53
N CYS A 157 1.84 -14.62 23.26
CA CYS A 157 0.94 -15.23 24.23
C CYS A 157 -0.52 -15.18 23.79
N LEU A 158 -0.81 -14.70 22.59
CA LEU A 158 -2.18 -14.63 22.11
C LEU A 158 -2.75 -16.04 21.94
N PRO A 159 -4.02 -16.26 22.28
CA PRO A 159 -4.65 -17.56 21.99
C PRO A 159 -4.83 -17.72 20.48
N ILE A 160 -5.10 -18.96 20.08
CA ILE A 160 -4.92 -19.36 18.69
C ILE A 160 -6.24 -19.73 18.01
N ALA A 161 -7.22 -20.23 18.74
CA ALA A 161 -8.49 -20.58 18.14
C ALA A 161 -9.57 -20.43 19.20
N ALA A 162 -10.81 -20.50 18.74
CA ALA A 162 -11.96 -20.40 19.61
C ALA A 162 -13.07 -21.29 19.06
N ILE A 163 -13.87 -21.87 19.94
CA ILE A 163 -15.06 -22.61 19.54
C ILE A 163 -16.25 -21.94 20.24
N VAL A 164 -17.23 -21.52 19.44
CA VAL A 164 -18.43 -20.86 19.95
C VAL A 164 -19.52 -21.90 20.11
N ASP A 165 -20.00 -22.07 21.35
CA ASP A 165 -21.10 -22.97 21.71
C ASP A 165 -20.97 -24.33 21.02
N GLU A 166 -19.75 -24.84 20.98
CA GLU A 166 -19.42 -26.16 20.47
C GLU A 166 -19.77 -26.33 18.98
N LYS A 167 -19.96 -25.24 18.24
CA LYS A 167 -20.44 -25.36 16.88
C LYS A 167 -19.71 -24.53 15.83
N ILE A 168 -19.12 -23.40 16.22
CA ILE A 168 -18.38 -22.56 15.27
C ILE A 168 -16.91 -22.60 15.66
N PHE A 169 -16.06 -23.16 14.78
CA PHE A 169 -14.62 -23.16 14.99
C PHE A 169 -14.01 -21.91 14.34
N CYS A 170 -13.27 -21.13 15.13
CA CYS A 170 -12.70 -19.86 14.68
C CYS A 170 -11.18 -19.88 14.77
N CYS A 171 -10.52 -19.42 13.71
CA CYS A 171 -9.09 -19.15 13.73
C CYS A 171 -8.79 -18.14 12.64
N HIS A 172 -7.56 -17.61 12.65
CA HIS A 172 -7.24 -16.58 11.66
C HIS A 172 -7.15 -17.16 10.25
N GLY A 173 -6.36 -18.22 10.07
CA GLY A 173 -6.10 -18.73 8.75
C GLY A 173 -7.04 -19.83 8.35
N GLY A 174 -6.79 -21.05 8.81
CA GLY A 174 -7.68 -22.15 8.46
C GLY A 174 -7.17 -23.49 8.96
N LEU A 175 -7.60 -24.54 8.27
CA LEU A 175 -7.36 -25.90 8.71
C LEU A 175 -5.91 -26.32 8.45
N SER A 176 -5.52 -27.43 9.09
CA SER A 176 -4.18 -28.00 8.98
C SER A 176 -4.28 -29.50 8.72
N PRO A 177 -3.40 -30.06 7.89
CA PRO A 177 -3.36 -31.51 7.74
C PRO A 177 -2.98 -32.22 9.02
N ASP A 178 -2.35 -31.52 9.96
CA ASP A 178 -1.98 -32.07 11.25
C ASP A 178 -3.07 -31.89 12.31
N LEU A 179 -4.11 -31.11 12.04
CA LEU A 179 -5.15 -30.88 13.05
C LEU A 179 -6.09 -32.07 13.04
N GLN A 180 -5.89 -32.98 13.99
CA GLN A 180 -6.73 -34.17 14.10
C GLN A 180 -7.55 -34.22 15.39
N SER A 181 -7.02 -33.66 16.47
CA SER A 181 -7.75 -33.56 17.72
C SER A 181 -7.63 -32.15 18.25
N MET A 182 -8.72 -31.62 18.84
CA MET A 182 -8.63 -30.31 19.46
C MET A 182 -7.57 -30.27 20.55
N GLU A 183 -7.27 -31.43 21.16
CA GLU A 183 -6.24 -31.48 22.19
C GLU A 183 -4.89 -31.03 21.66
N GLN A 184 -4.61 -31.22 20.37
CA GLN A 184 -3.35 -30.78 19.83
C GLN A 184 -3.19 -29.27 19.93
N ILE A 185 -4.29 -28.54 19.77
CA ILE A 185 -4.26 -27.10 19.98
C ILE A 185 -4.07 -26.78 21.46
N ARG A 186 -4.80 -27.47 22.33
CA ARG A 186 -4.70 -27.19 23.77
C ARG A 186 -3.31 -27.41 24.31
N ARG A 187 -2.53 -28.28 23.67
CA ARG A 187 -1.19 -28.63 24.11
C ARG A 187 -0.11 -27.66 23.64
N ILE A 188 -0.47 -26.65 22.86
CA ILE A 188 0.52 -25.66 22.44
C ILE A 188 0.84 -24.75 23.62
N MET A 189 2.12 -24.68 23.97
CA MET A 189 2.56 -23.91 25.13
C MET A 189 2.96 -22.50 24.73
N ARG A 190 2.64 -21.55 25.61
CA ARG A 190 2.96 -20.14 25.39
C ARG A 190 3.90 -19.65 26.49
N PRO A 191 4.78 -18.69 26.17
CA PRO A 191 4.89 -18.00 24.87
C PRO A 191 5.51 -18.85 23.77
N THR A 192 5.03 -18.65 22.54
CA THR A 192 5.62 -19.29 21.37
C THR A 192 5.66 -18.31 20.21
N ASP A 193 6.66 -18.48 19.36
CA ASP A 193 6.67 -17.82 18.06
C ASP A 193 5.86 -18.67 17.08
N VAL A 194 5.61 -18.14 15.89
CA VAL A 194 4.90 -18.88 14.85
C VAL A 194 5.94 -19.62 14.01
N PRO A 195 5.91 -20.95 13.98
CA PRO A 195 6.90 -21.68 13.19
C PRO A 195 6.61 -21.56 11.70
N ASP A 196 7.63 -21.88 10.90
CA ASP A 196 7.50 -21.77 9.44
C ASP A 196 6.68 -22.90 8.83
N GLN A 197 6.36 -23.93 9.59
CA GLN A 197 5.45 -24.97 9.14
CA GLN A 197 5.48 -25.00 9.14
C GLN A 197 4.91 -25.71 10.36
N GLY A 198 3.85 -26.46 10.14
CA GLY A 198 3.21 -27.23 11.19
C GLY A 198 1.87 -26.64 11.60
N LEU A 199 1.27 -27.29 12.61
CA LEU A 199 -0.09 -26.97 13.06
C LEU A 199 -0.27 -25.47 13.31
N LEU A 200 0.56 -24.88 14.18
CA LEU A 200 0.38 -23.47 14.51
C LEU A 200 0.51 -22.58 13.29
N CYS A 201 1.42 -22.91 12.39
CA CYS A 201 1.55 -22.15 11.14
C CYS A 201 0.25 -22.20 10.34
N ASP A 202 -0.29 -23.39 10.11
CA ASP A 202 -1.47 -23.52 9.25
C ASP A 202 -2.69 -22.83 9.85
N LEU A 203 -2.86 -22.92 11.17
CA LEU A 203 -3.98 -22.23 11.81
C LEU A 203 -3.95 -20.74 11.54
N LEU A 204 -2.77 -20.17 11.33
CA LEU A 204 -2.64 -18.74 11.06
C LEU A 204 -2.49 -18.41 9.59
N TRP A 205 -2.24 -19.39 8.71
CA TRP A 205 -1.83 -19.09 7.36
C TRP A 205 -2.64 -19.76 6.25
N SER A 206 -3.35 -20.85 6.50
CA SER A 206 -3.92 -21.58 5.36
C SER A 206 -5.17 -20.90 4.81
N ASP A 207 -5.52 -21.24 3.56
CA ASP A 207 -6.60 -20.62 2.80
C ASP A 207 -7.51 -21.67 2.18
N PRO A 208 -8.82 -21.44 2.16
CA PRO A 208 -9.71 -22.30 1.38
C PRO A 208 -9.52 -22.07 -0.11
N ASP A 209 -9.74 -23.12 -0.89
CA ASP A 209 -9.64 -23.01 -2.35
C ASP A 209 -10.58 -24.04 -2.96
N LYS A 210 -11.64 -23.57 -3.63
CA LYS A 210 -12.59 -24.50 -4.22
C LYS A 210 -11.98 -25.33 -5.34
N ASP A 211 -10.84 -24.92 -5.89
CA ASP A 211 -10.26 -25.56 -7.06
C ASP A 211 -9.28 -26.68 -6.71
N VAL A 212 -9.06 -26.96 -5.43
CA VAL A 212 -8.27 -28.09 -4.99
C VAL A 212 -9.20 -29.10 -4.33
N GLN A 213 -8.94 -30.38 -4.56
N GLN A 213 -8.94 -30.39 -4.55
CA GLN A 213 -9.78 -31.43 -3.99
CA GLN A 213 -9.81 -31.41 -3.97
C GLN A 213 -9.48 -31.63 -2.51
C GLN A 213 -9.50 -31.64 -2.50
N GLY A 214 -8.21 -31.75 -2.16
CA GLY A 214 -7.80 -31.93 -0.78
C GLY A 214 -6.91 -30.78 -0.33
N TRP A 215 -5.62 -31.01 -0.23
CA TRP A 215 -4.65 -30.00 0.21
C TRP A 215 -3.76 -29.59 -0.95
N GLY A 216 -3.63 -28.28 -1.18
CA GLY A 216 -2.74 -27.76 -2.18
C GLY A 216 -1.65 -26.92 -1.54
N GLU A 217 -0.67 -26.51 -2.35
CA GLU A 217 0.39 -25.64 -1.87
C GLU A 217 -0.08 -24.20 -1.96
N ASN A 218 0.34 -23.37 -1.02
CA ASN A 218 -0.22 -22.04 -0.86
C ASN A 218 0.68 -20.99 -1.50
N ASP A 219 0.06 -20.09 -2.28
CA ASP A 219 0.78 -19.04 -3.00
C ASP A 219 1.54 -18.12 -2.06
N ARG A 220 1.19 -18.07 -0.77
CA ARG A 220 1.89 -17.21 0.16
C ARG A 220 3.31 -17.69 0.45
N GLY A 221 3.68 -18.87 -0.02
CA GLY A 221 4.98 -19.42 0.25
C GLY A 221 5.07 -20.27 1.51
N VAL A 222 4.04 -20.30 2.35
CA VAL A 222 3.99 -21.23 3.46
C VAL A 222 2.59 -21.82 3.57
N SER A 223 2.50 -22.92 4.33
CA SER A 223 1.23 -23.55 4.64
C SER A 223 0.52 -24.05 3.38
N PHE A 224 -0.80 -24.24 3.46
CA PHE A 224 -1.55 -25.00 2.47
C PHE A 224 -2.82 -24.28 2.06
N THR A 225 -3.41 -24.75 0.97
CA THR A 225 -4.81 -24.56 0.66
C THR A 225 -5.57 -25.85 0.97
N PHE A 226 -6.87 -25.73 1.22
CA PHE A 226 -7.71 -26.89 1.51
C PHE A 226 -9.04 -26.74 0.79
N GLY A 227 -9.55 -27.85 0.24
CA GLY A 227 -10.78 -27.82 -0.54
C GLY A 227 -12.03 -28.00 0.32
N ALA A 228 -13.17 -28.00 -0.38
CA ALA A 228 -14.46 -28.14 0.29
C ALA A 228 -14.61 -29.50 0.98
N GLU A 229 -14.01 -30.55 0.41
CA GLU A 229 -14.14 -31.85 1.05
C GLU A 229 -13.39 -31.89 2.38
N VAL A 230 -12.25 -31.19 2.49
CA VAL A 230 -11.53 -31.13 3.75
C VAL A 230 -12.40 -30.46 4.82
N VAL A 231 -13.08 -29.37 4.45
CA VAL A 231 -13.96 -28.68 5.39
C VAL A 231 -15.08 -29.61 5.84
N ALA A 232 -15.74 -30.27 4.89
CA ALA A 232 -16.85 -31.15 5.22
C ALA A 232 -16.41 -32.27 6.17
N LYS A 233 -15.26 -32.90 5.91
CA LYS A 233 -14.78 -33.95 6.80
C LYS A 233 -14.44 -33.40 8.18
N PHE A 234 -13.87 -32.21 8.23
CA PHE A 234 -13.46 -31.64 9.51
C PHE A 234 -14.67 -31.34 10.38
N LEU A 235 -15.68 -30.67 9.82
CA LEU A 235 -16.92 -30.40 10.54
C LEU A 235 -17.58 -31.69 10.99
N HIS A 236 -17.65 -32.69 10.11
CA HIS A 236 -18.28 -33.95 10.47
C HIS A 236 -17.57 -34.60 11.66
N LYS A 237 -16.24 -34.67 11.60
CA LYS A 237 -15.48 -35.37 12.63
C LYS A 237 -15.61 -34.72 14.00
N HIS A 238 -15.77 -33.40 14.06
CA HIS A 238 -15.80 -32.68 15.34
C HIS A 238 -17.17 -32.18 15.72
N ASP A 239 -18.21 -32.60 15.00
CA ASP A 239 -19.59 -32.22 15.28
C ASP A 239 -19.76 -30.71 15.31
N LEU A 240 -19.16 -30.03 14.31
CA LEU A 240 -19.20 -28.59 14.16
C LEU A 240 -20.09 -28.22 12.97
N ASP A 241 -20.58 -26.99 12.96
CA ASP A 241 -21.41 -26.49 11.88
C ASP A 241 -20.71 -25.55 10.92
N LEU A 242 -19.68 -24.84 11.37
CA LEU A 242 -19.14 -23.72 10.62
C LEU A 242 -17.69 -23.49 11.00
N ILE A 243 -16.88 -23.15 10.01
CA ILE A 243 -15.57 -22.56 10.22
C ILE A 243 -15.69 -21.07 9.96
N CYS A 244 -15.20 -20.26 10.90
CA CYS A 244 -15.17 -18.80 10.78
C CYS A 244 -13.71 -18.36 10.81
N ARG A 245 -13.23 -17.79 9.72
CA ARG A 245 -11.83 -17.38 9.62
C ARG A 245 -11.74 -16.05 8.91
N ALA A 246 -10.51 -15.54 8.77
CA ALA A 246 -10.27 -14.23 8.19
C ALA A 246 -9.18 -14.35 7.11
N HIS A 247 -8.17 -13.47 7.17
CA HIS A 247 -6.87 -13.69 6.51
C HIS A 247 -6.89 -13.34 5.01
N GLN A 248 -8.05 -13.32 4.36
CA GLN A 248 -8.15 -12.94 2.95
C GLN A 248 -9.17 -11.82 2.75
N VAL A 249 -8.79 -10.78 2.01
CA VAL A 249 -9.72 -9.69 1.71
C VAL A 249 -10.86 -10.21 0.85
N VAL A 250 -12.08 -9.81 1.19
CA VAL A 250 -13.28 -10.24 0.47
C VAL A 250 -14.14 -9.02 0.15
N GLU A 251 -14.68 -8.99 -1.07
CA GLU A 251 -15.33 -7.80 -1.59
C GLU A 251 -16.45 -7.30 -0.68
N ASP A 252 -17.24 -8.22 -0.11
CA ASP A 252 -18.40 -7.83 0.68
C ASP A 252 -18.12 -7.74 2.18
N GLY A 253 -16.88 -7.96 2.61
CA GLY A 253 -16.55 -8.04 4.01
C GLY A 253 -16.80 -9.38 4.65
N TYR A 254 -17.64 -10.22 4.04
CA TYR A 254 -17.80 -11.60 4.44
C TYR A 254 -18.01 -12.41 3.17
N GLU A 255 -17.66 -13.69 3.22
CA GLU A 255 -17.69 -14.49 2.00
C GLU A 255 -17.80 -15.97 2.36
N PHE A 256 -18.77 -16.65 1.79
CA PHE A 256 -19.01 -18.05 2.11
C PHE A 256 -18.18 -18.97 1.25
N PHE A 257 -17.97 -20.18 1.77
CA PHE A 257 -17.21 -21.21 1.09
C PHE A 257 -17.83 -22.57 1.41
N ALA A 258 -17.86 -23.45 0.41
CA ALA A 258 -18.30 -24.83 0.58
C ALA A 258 -19.71 -24.89 1.18
N LYS A 259 -20.66 -24.32 0.45
CA LYS A 259 -22.08 -24.32 0.83
C LYS A 259 -22.27 -23.77 2.25
N ARG A 260 -21.61 -22.65 2.53
CA ARG A 260 -21.72 -21.95 3.80
C ARG A 260 -21.23 -22.77 4.99
N GLN A 261 -20.36 -23.76 4.73
CA GLN A 261 -19.68 -24.46 5.81
C GLN A 261 -18.50 -23.66 6.36
N LEU A 262 -18.06 -22.65 5.62
CA LEU A 262 -16.97 -21.78 6.05
C LEU A 262 -17.35 -20.36 5.67
N VAL A 263 -17.02 -19.40 6.54
CA VAL A 263 -17.13 -18.00 6.18
C VAL A 263 -15.80 -17.32 6.45
N THR A 264 -15.40 -16.45 5.53
CA THR A 264 -14.25 -15.58 5.68
C THR A 264 -14.77 -14.19 6.05
N LEU A 265 -14.22 -13.61 7.12
CA LEU A 265 -14.52 -12.25 7.54
C LEU A 265 -13.31 -11.37 7.31
N PHE A 266 -13.56 -10.12 6.93
CA PHE A 266 -12.49 -9.16 6.74
C PHE A 266 -13.06 -7.80 7.11
N SER A 267 -12.43 -7.12 8.06
CA SER A 267 -13.04 -5.97 8.70
C SER A 267 -12.31 -4.67 8.43
N ALA A 268 -11.45 -4.64 7.43
CA ALA A 268 -10.75 -3.43 7.00
C ALA A 268 -11.27 -3.00 5.64
N PRO A 269 -12.24 -2.09 5.57
CA PRO A 269 -12.72 -1.63 4.25
C PRO A 269 -11.62 -0.92 3.49
N ASN A 270 -11.80 -0.81 2.17
CA ASN A 270 -10.82 -0.16 1.30
C ASN A 270 -9.41 -0.61 1.66
N TYR A 271 -9.21 -1.91 1.76
CA TYR A 271 -8.01 -2.48 2.35
C TYR A 271 -6.73 -1.85 1.80
N CYS A 272 -5.92 -1.33 2.72
CA CYS A 272 -4.72 -0.50 2.50
C CYS A 272 -4.74 0.28 1.19
N GLY A 273 -5.88 0.90 0.88
CA GLY A 273 -6.02 1.77 -0.28
C GLY A 273 -5.90 1.08 -1.63
N GLU A 274 -5.71 -0.24 -1.63
CA GLU A 274 -5.51 -1.02 -2.86
C GLU A 274 -6.77 -1.69 -3.37
N PHE A 275 -7.76 -1.90 -2.50
CA PHE A 275 -9.00 -2.58 -2.85
C PHE A 275 -10.17 -1.67 -2.54
N ASP A 276 -11.34 -2.05 -3.05
CA ASP A 276 -12.55 -1.28 -2.80
C ASP A 276 -13.57 -2.16 -2.08
N ASN A 277 -13.12 -2.85 -1.04
CA ASN A 277 -13.93 -3.81 -0.33
C ASN A 277 -14.64 -3.18 0.87
N ALA A 278 -15.78 -3.77 1.23
CA ALA A 278 -16.43 -3.46 2.49
C ALA A 278 -15.76 -4.24 3.61
N GLY A 279 -15.99 -3.81 4.84
CA GLY A 279 -15.57 -4.54 6.03
C GLY A 279 -16.80 -5.00 6.76
N ALA A 280 -16.73 -6.18 7.39
CA ALA A 280 -17.89 -6.71 8.06
C ALA A 280 -17.52 -7.39 9.36
N MET A 281 -18.53 -7.57 10.21
CA MET A 281 -18.45 -8.41 11.39
C MET A 281 -19.66 -9.32 11.37
N MET A 282 -19.51 -10.49 11.97
CA MET A 282 -20.58 -11.48 12.04
C MET A 282 -21.19 -11.46 13.44
N SER A 283 -22.48 -11.12 13.50
CA SER A 283 -23.22 -11.14 14.75
C SER A 283 -23.81 -12.53 14.93
N VAL A 284 -23.50 -13.16 16.06
CA VAL A 284 -23.96 -14.51 16.37
C VAL A 284 -24.88 -14.38 17.57
N ASP A 285 -26.19 -14.60 17.39
CA ASP A 285 -27.04 -14.44 18.55
C ASP A 285 -27.08 -15.73 19.36
N GLU A 286 -27.87 -15.72 20.45
CA GLU A 286 -27.85 -16.82 21.39
C GLU A 286 -28.43 -18.10 20.82
N THR A 287 -29.09 -18.06 19.67
CA THR A 287 -29.54 -19.26 18.97
C THR A 287 -28.53 -19.72 17.93
N LEU A 288 -27.39 -19.05 17.83
CA LEU A 288 -26.39 -19.27 16.78
C LEU A 288 -26.92 -18.92 15.39
N MET A 289 -27.85 -17.97 15.34
CA MET A 289 -28.22 -17.36 14.06
C MET A 289 -27.19 -16.28 13.73
N CYS A 290 -26.64 -16.33 12.52
CA CYS A 290 -25.55 -15.46 12.12
C CYS A 290 -26.04 -14.45 11.09
N SER A 291 -25.69 -13.18 11.30
CA SER A 291 -25.98 -12.11 10.36
C SER A 291 -24.74 -11.21 10.28
N PHE A 292 -24.76 -10.24 9.38
CA PHE A 292 -23.55 -9.47 9.13
C PHE A 292 -23.83 -7.97 9.23
N GLN A 293 -22.95 -7.28 9.93
CA GLN A 293 -22.99 -5.83 10.01
C GLN A 293 -21.80 -5.29 9.24
N ILE A 294 -22.07 -4.42 8.26
CA ILE A 294 -21.13 -4.10 7.20
C ILE A 294 -20.83 -2.61 7.21
N LEU A 295 -19.55 -2.28 7.04
CA LEU A 295 -19.09 -0.91 6.78
C LEU A 295 -18.71 -0.83 5.30
N LYS A 296 -19.48 -0.07 4.52
CA LYS A 296 -19.33 -0.07 3.07
C LYS A 296 -18.85 1.30 2.62
N PRO A 297 -17.68 1.39 1.99
CA PRO A 297 -17.21 2.67 1.45
C PRO A 297 -18.15 3.23 0.40
N ALA A 298 -18.32 4.56 0.44
CA ALA A 298 -19.05 5.26 -0.61
C ALA A 298 -18.10 6.19 -1.37
N ASP A 299 -17.79 7.36 -0.78
CA ASP A 299 -16.88 8.35 -1.38
C ASP A 299 -17.31 8.77 -2.80
N LYS B 2 -26.91 -28.01 11.98
CA LYS B 2 -27.90 -28.51 12.94
C LYS B 2 -28.33 -27.43 13.92
N LYS B 3 -27.43 -26.50 14.27
CA LYS B 3 -27.81 -25.36 15.10
C LYS B 3 -27.49 -24.02 14.44
N VAL B 4 -26.32 -23.87 13.82
CA VAL B 4 -25.98 -22.61 13.18
C VAL B 4 -26.93 -22.36 12.01
N THR B 5 -27.41 -21.12 11.89
CA THR B 5 -28.22 -20.69 10.75
C THR B 5 -27.78 -19.29 10.36
N PHE B 6 -28.21 -18.86 9.17
CA PHE B 6 -27.90 -17.52 8.68
C PHE B 6 -29.18 -16.75 8.42
N GLY B 7 -29.28 -15.57 9.01
CA GLY B 7 -30.41 -14.72 8.72
C GLY B 7 -29.97 -13.50 7.94
N LEU B 8 -29.62 -13.69 6.66
CA LEU B 8 -29.02 -12.60 5.89
C LEU B 8 -29.96 -11.41 5.75
N ASN B 9 -31.27 -11.63 5.84
CA ASN B 9 -32.23 -10.53 5.84
C ASN B 9 -32.01 -9.60 7.04
N ARG B 10 -31.30 -10.06 8.07
CA ARG B 10 -30.98 -9.23 9.22
C ARG B 10 -29.69 -8.45 9.05
N ASN B 11 -29.01 -8.61 7.91
CA ASN B 11 -27.80 -7.84 7.65
C ASN B 11 -28.11 -6.35 7.71
N MET B 12 -27.14 -5.56 8.18
CA MET B 12 -27.28 -4.12 8.12
C MET B 12 -25.97 -3.52 7.64
N THR B 13 -26.10 -2.43 6.88
CA THR B 13 -24.96 -1.81 6.23
C THR B 13 -24.95 -0.32 6.51
N ALA B 14 -23.80 0.18 6.95
CA ALA B 14 -23.57 1.62 7.09
C ALA B 14 -22.57 2.04 6.03
N GLU B 15 -22.94 3.05 5.25
CA GLU B 15 -22.03 3.64 4.27
C GLU B 15 -21.24 4.77 4.92
N PHE B 16 -20.02 4.98 4.44
CA PHE B 16 -19.17 6.01 5.01
C PHE B 16 -18.16 6.49 3.95
N LYS B 17 -17.82 7.77 4.04
CA LYS B 17 -16.66 8.32 3.35
C LYS B 17 -15.43 8.22 4.25
N LYS B 18 -14.26 8.02 3.62
CA LYS B 18 -13.03 7.83 4.39
C LYS B 18 -12.74 9.01 5.29
N THR B 19 -13.17 10.22 4.91
CA THR B 19 -12.90 11.44 5.66
C THR B 19 -13.94 11.77 6.72
N ASP B 20 -14.99 10.96 6.86
CA ASP B 20 -16.03 11.17 7.86
C ASP B 20 -15.53 10.84 9.26
N LYS B 21 -15.91 11.67 10.23
CA LYS B 21 -15.70 11.31 11.64
CA LYS B 21 -15.69 11.32 11.63
C LYS B 21 -16.34 9.97 11.94
N SER B 22 -15.60 9.12 12.67
CA SER B 22 -16.11 7.78 12.95
C SER B 22 -17.42 7.82 13.73
N ILE B 23 -17.61 8.84 14.57
CA ILE B 23 -18.84 8.93 15.34
C ILE B 23 -20.08 9.04 14.45
N LEU B 24 -19.92 9.37 13.17
CA LEU B 24 -21.07 9.61 12.31
C LEU B 24 -21.77 8.33 11.87
N VAL B 25 -21.21 7.15 12.19
CA VAL B 25 -21.93 5.91 11.95
C VAL B 25 -22.76 5.48 13.16
N SER B 26 -22.72 6.23 14.26
CA SER B 26 -23.50 5.91 15.44
C SER B 26 -24.98 5.85 15.09
N PRO B 27 -25.65 4.70 15.30
CA PRO B 27 -27.08 4.64 15.01
C PRO B 27 -27.92 5.67 15.74
N THR B 28 -27.56 6.01 16.99
CA THR B 28 -28.33 6.96 17.78
C THR B 28 -27.72 8.36 17.80
N GLY B 29 -26.65 8.61 17.05
CA GLY B 29 -26.11 9.95 16.96
C GLY B 29 -24.94 10.21 17.90
N PRO B 30 -24.46 11.46 17.92
CA PRO B 30 -23.22 11.78 18.64
C PRO B 30 -23.36 11.89 20.14
N SER B 31 -24.57 11.83 20.70
CA SER B 31 -24.73 11.91 22.14
C SER B 31 -24.51 10.58 22.87
N ARG B 32 -24.43 9.46 22.15
CA ARG B 32 -24.22 8.18 22.81
C ARG B 32 -22.87 8.16 23.50
N VAL B 33 -22.82 7.57 24.68
CA VAL B 33 -21.59 7.51 25.48
C VAL B 33 -20.80 6.29 25.02
N ALA B 34 -19.60 6.53 24.47
CA ALA B 34 -18.79 5.42 23.99
C ALA B 34 -18.22 4.59 25.14
N PHE B 35 -17.94 5.21 26.28
CA PHE B 35 -17.22 4.54 27.35
C PHE B 35 -17.66 5.06 28.70
N ASP B 36 -18.24 4.18 29.50
CA ASP B 36 -18.56 4.45 30.90
C ASP B 36 -17.65 3.58 31.74
N PRO B 37 -16.67 4.15 32.47
CA PRO B 37 -15.68 3.31 33.16
C PRO B 37 -16.25 2.46 34.27
N GLU B 38 -17.50 2.69 34.69
CA GLU B 38 -18.14 1.90 35.73
C GLU B 38 -19.12 0.87 35.20
N GLN B 39 -19.44 0.90 33.90
CA GLN B 39 -20.42 -0.03 33.36
C GLN B 39 -19.85 -1.45 33.40
N LYS B 40 -20.62 -2.38 33.97
CA LYS B 40 -20.20 -3.76 34.06
C LYS B 40 -20.84 -4.57 32.94
N PRO B 41 -20.18 -5.63 32.45
CA PRO B 41 -20.88 -6.55 31.54
C PRO B 41 -21.94 -7.34 32.30
N LEU B 42 -23.02 -7.68 31.57
CA LEU B 42 -24.10 -8.44 32.18
C LEU B 42 -23.63 -9.81 32.66
N HIS B 43 -22.90 -10.54 31.80
CA HIS B 43 -22.37 -11.85 32.16
C HIS B 43 -21.27 -12.23 31.20
N GLY B 44 -20.30 -13.01 31.69
CA GLY B 44 -19.18 -13.41 30.87
C GLY B 44 -19.57 -14.42 29.81
N VAL B 45 -18.75 -14.51 28.77
CA VAL B 45 -19.00 -15.49 27.72
C VAL B 45 -17.85 -16.49 27.59
N LEU B 46 -16.90 -16.48 28.52
CA LEU B 46 -15.80 -17.43 28.51
C LEU B 46 -16.13 -18.61 29.41
N LYS B 47 -16.05 -19.81 28.85
CA LYS B 47 -16.30 -21.04 29.61
C LYS B 47 -15.04 -21.57 30.29
N GLY C 1 -0.86 0.65 -42.91
CA GLY C 1 0.52 0.95 -43.22
C GLY C 1 1.48 -0.16 -42.82
N HIS C 2 2.77 0.06 -43.09
CA HIS C 2 3.81 -0.91 -42.75
C HIS C 2 3.84 -1.17 -41.24
N MET C 3 3.62 -2.44 -40.87
CA MET C 3 3.51 -2.82 -39.45
C MET C 3 4.85 -2.69 -38.72
N GLY C 4 5.89 -3.35 -39.23
CA GLY C 4 7.13 -3.44 -38.49
C GLY C 4 7.12 -4.64 -37.55
N SER C 5 8.28 -5.22 -37.26
CA SER C 5 8.30 -6.44 -36.46
C SER C 5 7.73 -6.21 -35.07
N LEU C 6 7.86 -5.00 -34.52
CA LEU C 6 7.43 -4.75 -33.16
C LEU C 6 5.92 -4.58 -33.04
N ASN C 7 5.21 -4.37 -34.15
CA ASN C 7 3.76 -4.14 -34.13
C ASN C 7 3.45 -2.95 -33.21
N LEU C 8 4.32 -1.94 -33.26
CA LEU C 8 4.32 -0.88 -32.25
C LEU C 8 3.02 -0.11 -32.23
N ASP C 9 2.52 0.29 -33.40
CA ASP C 9 1.29 1.09 -33.44
C ASP C 9 0.11 0.32 -32.88
N SER C 10 0.06 -0.99 -33.12
CA SER C 10 -1.00 -1.80 -32.54
C SER C 10 -0.86 -1.87 -31.02
N ILE C 11 0.38 -2.00 -30.53
CA ILE C 11 0.60 -2.00 -29.09
C ILE C 11 0.10 -0.71 -28.48
N ILE C 12 0.55 0.44 -29.01
CA ILE C 12 0.14 1.72 -28.44
C ILE C 12 -1.37 1.89 -28.51
N GLY C 13 -1.98 1.47 -29.62
CA GLY C 13 -3.43 1.57 -29.74
C GLY C 13 -4.17 0.83 -28.64
N ARG C 14 -3.71 -0.39 -28.33
CA ARG C 14 -4.35 -1.20 -27.32
C ARG C 14 -4.11 -0.65 -25.92
N LEU C 15 -2.90 -0.14 -25.66
CA LEU C 15 -2.64 0.49 -24.36
C LEU C 15 -3.51 1.71 -24.14
N LEU C 16 -3.84 2.44 -25.20
CA LEU C 16 -4.64 3.65 -25.08
C LEU C 16 -6.13 3.40 -25.20
N GLU C 17 -6.55 2.18 -25.50
CA GLU C 17 -7.99 1.91 -25.61
C GLU C 17 -8.72 2.16 -24.30
N VAL C 18 -8.01 2.05 -23.17
CA VAL C 18 -8.66 2.14 -21.87
C VAL C 18 -8.71 3.60 -21.41
N ARG C 19 -8.31 4.54 -22.27
CA ARG C 19 -8.63 5.94 -22.03
C ARG C 19 -10.13 6.14 -21.82
N GLY C 20 -10.95 5.29 -22.42
CA GLY C 20 -12.39 5.39 -22.25
C GLY C 20 -12.99 4.40 -21.28
N SER C 21 -12.16 3.69 -20.52
CA SER C 21 -12.60 2.67 -19.58
C SER C 21 -12.60 3.21 -18.15
N ARG C 22 -13.43 2.60 -17.31
CA ARG C 22 -13.33 2.87 -15.88
C ARG C 22 -11.96 2.41 -15.37
N PRO C 23 -11.30 3.21 -14.55
CA PRO C 23 -9.93 2.90 -14.16
C PRO C 23 -9.82 1.56 -13.43
N GLY C 24 -8.71 0.85 -13.69
CA GLY C 24 -8.46 -0.45 -13.15
C GLY C 24 -8.41 -1.56 -14.18
N LYS C 25 -9.00 -1.34 -15.37
CA LYS C 25 -9.01 -2.39 -16.37
C LYS C 25 -7.62 -2.62 -16.93
N ASN C 26 -7.21 -3.89 -17.00
CA ASN C 26 -5.91 -4.28 -17.51
C ASN C 26 -5.85 -4.21 -19.03
N VAL C 27 -4.65 -3.97 -19.56
CA VAL C 27 -4.30 -4.19 -20.96
C VAL C 27 -3.26 -5.30 -20.98
N GLN C 28 -3.61 -6.46 -21.56
CA GLN C 28 -2.73 -7.62 -21.52
C GLN C 28 -2.13 -7.83 -22.92
N LEU C 29 -0.92 -7.27 -23.12
CA LEU C 29 -0.14 -7.51 -24.32
C LEU C 29 0.44 -8.91 -24.31
N THR C 30 0.92 -9.37 -25.47
CA THR C 30 1.62 -10.66 -25.45
C THR C 30 3.01 -10.49 -24.87
N GLU C 31 3.54 -11.60 -24.33
CA GLU C 31 4.91 -11.59 -23.85
C GLU C 31 5.88 -11.12 -24.92
N ASN C 32 5.75 -11.62 -26.16
CA ASN C 32 6.70 -11.22 -27.19
C ASN C 32 6.55 -9.75 -27.58
N GLU C 33 5.34 -9.20 -27.47
CA GLU C 33 5.17 -7.76 -27.68
C GLU C 33 5.95 -6.98 -26.64
N ILE C 34 5.85 -7.37 -25.38
CA ILE C 34 6.56 -6.67 -24.31
C ILE C 34 8.07 -6.85 -24.46
N ARG C 35 8.51 -8.07 -24.75
CA ARG C 35 9.94 -8.30 -24.97
CA ARG C 35 9.94 -8.27 -24.95
C ARG C 35 10.47 -7.40 -26.08
N GLY C 36 9.70 -7.25 -27.16
CA GLY C 36 10.12 -6.36 -28.22
C GLY C 36 10.31 -4.93 -27.75
N LEU C 37 9.35 -4.42 -26.96
CA LEU C 37 9.50 -3.11 -26.35
C LEU C 37 10.79 -3.02 -25.55
N CYS C 38 11.08 -4.05 -24.76
CA CYS C 38 12.28 -4.05 -23.94
C CYS C 38 13.53 -4.03 -24.80
N LEU C 39 13.62 -4.92 -25.79
CA LEU C 39 14.83 -5.05 -26.56
C LEU C 39 15.09 -3.81 -27.41
N LYS C 40 14.04 -3.24 -28.01
CA LYS C 40 14.26 -2.09 -28.88
C LYS C 40 14.53 -0.82 -28.07
N SER C 41 13.85 -0.64 -26.93
CA SER C 41 14.15 0.55 -26.13
C SER C 41 15.56 0.48 -25.57
N ARG C 42 15.97 -0.71 -25.11
CA ARG C 42 17.33 -0.92 -24.61
C ARG C 42 18.37 -0.51 -25.64
N GLU C 43 18.17 -0.93 -26.89
CA GLU C 43 19.04 -0.51 -27.99
C GLU C 43 19.07 1.01 -28.11
N ILE C 44 17.90 1.65 -28.07
CA ILE C 44 17.84 3.10 -28.20
C ILE C 44 18.53 3.76 -27.00
N PHE C 45 18.29 3.24 -25.80
CA PHE C 45 18.93 3.78 -24.59
C PHE C 45 20.45 3.80 -24.74
N LEU C 46 21.03 2.68 -25.17
CA LEU C 46 22.47 2.61 -25.34
C LEU C 46 22.95 3.48 -26.49
N SER C 47 22.10 3.72 -27.50
CA SER C 47 22.51 4.58 -28.59
C SER C 47 22.55 6.05 -28.18
N GLN C 48 21.97 6.40 -27.04
CA GLN C 48 21.92 7.77 -26.62
C GLN C 48 22.81 7.97 -25.39
N PRO C 49 23.23 9.20 -25.10
CA PRO C 49 24.15 9.41 -23.97
C PRO C 49 23.51 9.04 -22.64
N ILE C 50 24.36 8.69 -21.67
CA ILE C 50 23.88 8.36 -20.34
C ILE C 50 23.50 9.64 -19.59
N LEU C 51 24.12 10.75 -19.93
CA LEU C 51 23.75 12.08 -19.45
C LEU C 51 23.13 12.81 -20.63
N LEU C 52 21.81 12.91 -20.63
CA LEU C 52 21.09 13.51 -21.74
C LEU C 52 21.22 15.02 -21.72
N GLU C 53 21.56 15.62 -22.85
CA GLU C 53 21.58 17.07 -22.97
C GLU C 53 20.45 17.47 -23.89
N LEU C 54 19.42 18.09 -23.32
CA LEU C 54 18.15 18.31 -23.99
C LEU C 54 17.86 19.79 -24.18
N GLU C 55 17.02 20.09 -25.17
CA GLU C 55 16.49 21.43 -25.35
C GLU C 55 15.08 21.51 -24.81
N ALA C 56 14.69 22.70 -24.37
CA ALA C 56 13.30 23.02 -24.16
C ALA C 56 12.62 23.24 -25.51
N PRO C 57 11.28 23.16 -25.58
CA PRO C 57 10.29 22.88 -24.55
C PRO C 57 10.24 21.41 -24.12
N LEU C 58 9.86 21.20 -22.86
CA LEU C 58 9.79 19.88 -22.25
C LEU C 58 8.73 19.89 -21.17
N LYS C 59 8.05 18.76 -20.99
CA LYS C 59 7.30 18.49 -19.77
C LYS C 59 8.06 17.45 -18.97
N ILE C 60 8.29 17.73 -17.69
CA ILE C 60 9.07 16.83 -16.84
C ILE C 60 8.16 16.24 -15.78
N CYS C 61 8.22 14.91 -15.62
CA CYS C 61 7.36 14.18 -14.70
C CYS C 61 8.19 13.41 -13.68
N GLY C 62 7.68 13.37 -12.45
CA GLY C 62 8.24 12.53 -11.39
C GLY C 62 7.60 11.15 -11.32
N ASP C 63 7.63 10.56 -10.13
CA ASP C 63 7.29 9.15 -9.96
C ASP C 63 5.87 8.82 -10.42
N ILE C 64 5.71 7.65 -11.04
CA ILE C 64 4.42 7.14 -11.47
C ILE C 64 4.02 5.89 -10.70
N HIS C 65 4.99 5.00 -10.43
CA HIS C 65 4.78 3.82 -9.58
C HIS C 65 3.53 3.03 -9.95
N GLY C 66 3.41 2.69 -11.24
CA GLY C 66 2.38 1.76 -11.65
C GLY C 66 0.97 2.29 -11.67
N GLN C 67 0.77 3.59 -11.47
CA GLN C 67 -0.56 4.21 -11.46
C GLN C 67 -0.94 4.58 -12.88
N TYR C 68 -1.27 3.55 -13.65
CA TYR C 68 -1.38 3.70 -15.10
C TYR C 68 -2.44 4.70 -15.51
N TYR C 69 -3.58 4.71 -14.84
CA TYR C 69 -4.63 5.63 -15.24
C TYR C 69 -4.29 7.06 -14.88
N ASP C 70 -3.47 7.27 -13.85
CA ASP C 70 -2.93 8.61 -13.62
C ASP C 70 -1.94 9.01 -14.71
N LEU C 71 -1.15 8.06 -15.24
CA LEU C 71 -0.29 8.39 -16.37
C LEU C 71 -1.12 8.84 -17.57
N LEU C 72 -2.22 8.12 -17.85
CA LEU C 72 -3.11 8.52 -18.92
C LEU C 72 -3.70 9.90 -18.68
N ARG C 73 -4.04 10.21 -17.42
CA ARG C 73 -4.57 11.54 -17.11
C ARG C 73 -3.51 12.61 -17.33
N LEU C 74 -2.26 12.34 -16.94
CA LEU C 74 -1.19 13.31 -17.18
C LEU C 74 -1.01 13.56 -18.67
N PHE C 75 -0.96 12.50 -19.47
CA PHE C 75 -0.80 12.68 -20.91
C PHE C 75 -1.98 13.47 -21.50
N GLU C 76 -3.20 13.11 -21.14
CA GLU C 76 -4.36 13.87 -21.62
C GLU C 76 -4.24 15.34 -21.26
N TYR C 77 -3.91 15.64 -20.00
CA TYR C 77 -3.82 17.01 -19.54
C TYR C 77 -2.66 17.75 -20.18
N GLY C 78 -1.51 17.08 -20.33
CA GLY C 78 -0.34 17.73 -20.89
C GLY C 78 -0.19 17.64 -22.38
N GLY C 79 -0.98 16.81 -23.04
CA GLY C 79 -0.81 16.54 -24.47
C GLY C 79 -0.06 15.25 -24.71
N PHE C 80 -0.68 14.29 -25.38
CA PHE C 80 -0.03 13.01 -25.62
C PHE C 80 1.17 13.18 -26.54
N PRO C 81 2.21 12.36 -26.36
CA PRO C 81 3.32 12.37 -27.32
C PRO C 81 2.79 12.21 -28.73
N PRO C 82 3.35 12.93 -29.70
CA PRO C 82 4.45 13.88 -29.53
C PRO C 82 4.01 15.35 -29.51
N GLU C 83 2.80 15.63 -29.04
CA GLU C 83 2.33 17.02 -28.99
C GLU C 83 3.18 17.83 -28.03
N SER C 84 3.63 17.22 -26.94
CA SER C 84 4.62 17.78 -26.04
C SER C 84 5.81 16.84 -25.99
N ASN C 85 6.99 17.39 -25.70
CA ASN C 85 8.14 16.56 -25.39
C ASN C 85 8.09 16.21 -23.91
N TYR C 86 8.58 15.01 -23.58
CA TYR C 86 8.50 14.52 -22.22
C TYR C 86 9.86 14.04 -21.73
N LEU C 87 10.16 14.37 -20.47
CA LEU C 87 11.25 13.75 -19.72
C LEU C 87 10.63 13.20 -18.44
N PHE C 88 10.81 11.90 -18.20
CA PHE C 88 10.39 11.28 -16.95
C PHE C 88 11.61 11.00 -16.09
N LEU C 89 11.45 11.14 -14.77
CA LEU C 89 12.57 11.09 -13.86
C LEU C 89 12.74 9.74 -13.17
N GLY C 90 12.00 8.70 -13.60
CA GLY C 90 12.18 7.37 -13.05
C GLY C 90 11.05 6.95 -12.13
N ASP C 91 11.20 5.75 -11.56
CA ASP C 91 10.22 5.12 -10.67
C ASP C 91 8.89 4.92 -11.40
N TYR C 92 8.96 4.12 -12.46
CA TYR C 92 7.80 3.74 -13.26
C TYR C 92 7.05 2.55 -12.67
N VAL C 93 7.76 1.66 -11.97
CA VAL C 93 7.21 0.40 -11.50
C VAL C 93 7.15 0.39 -9.98
N ASP C 94 6.50 -0.64 -9.41
CA ASP C 94 6.34 -0.87 -7.96
C ASP C 94 5.25 -0.01 -7.34
N ARG C 95 4.63 -0.55 -6.28
CA ARG C 95 3.66 0.11 -5.40
C ARG C 95 2.26 0.13 -5.99
N GLY C 96 2.14 0.52 -7.26
CA GLY C 96 0.84 0.61 -7.90
C GLY C 96 0.37 -0.71 -8.49
N LYS C 97 -0.83 -0.66 -9.08
CA LYS C 97 -1.48 -1.90 -9.52
C LYS C 97 -1.06 -2.32 -10.91
N GLN C 98 -0.56 -1.40 -11.74
CA GLN C 98 -0.39 -1.64 -13.16
C GLN C 98 0.97 -1.12 -13.62
N SER C 99 2.02 -1.62 -12.97
CA SER C 99 3.37 -1.32 -13.42
C SER C 99 3.60 -1.74 -14.87
N LEU C 100 3.00 -2.85 -15.29
CA LEU C 100 3.25 -3.36 -16.63
C LEU C 100 2.70 -2.42 -17.71
N GLU C 101 1.42 -2.04 -17.60
CA GLU C 101 0.88 -1.09 -18.56
C GLU C 101 1.68 0.21 -18.56
N THR C 102 2.04 0.69 -17.37
CA THR C 102 2.80 1.94 -17.24
C THR C 102 4.13 1.85 -18.00
N ILE C 103 4.98 0.89 -17.65
CA ILE C 103 6.28 0.82 -18.30
C ILE C 103 6.12 0.50 -19.80
N CYS C 104 5.15 -0.32 -20.17
CA CYS C 104 5.02 -0.68 -21.58
C CYS C 104 4.66 0.54 -22.42
N LEU C 105 3.70 1.35 -21.97
CA LEU C 105 3.38 2.57 -22.72
C LEU C 105 4.60 3.47 -22.82
N LEU C 106 5.35 3.62 -21.72
CA LEU C 106 6.50 4.52 -21.71
C LEU C 106 7.61 4.02 -22.64
N LEU C 107 7.89 2.71 -22.62
CA LEU C 107 8.88 2.18 -23.56
C LEU C 107 8.42 2.32 -25.00
N ALA C 108 7.14 2.10 -25.25
CA ALA C 108 6.63 2.24 -26.62
C ALA C 108 6.85 3.66 -27.12
N TYR C 109 6.54 4.65 -26.30
CA TYR C 109 6.74 6.05 -26.69
C TYR C 109 8.22 6.37 -26.88
N LYS C 110 9.10 5.76 -26.09
CA LYS C 110 10.53 5.91 -26.34
C LYS C 110 10.89 5.45 -27.75
N ILE C 111 10.32 4.33 -28.18
CA ILE C 111 10.64 3.79 -29.49
C ILE C 111 9.98 4.60 -30.59
N LYS C 112 8.72 4.98 -30.37
CA LYS C 112 7.98 5.72 -31.39
C LYS C 112 8.57 7.12 -31.60
N TYR C 113 8.97 7.81 -30.52
CA TYR C 113 9.49 9.17 -30.59
C TYR C 113 10.83 9.28 -29.87
N PRO C 114 11.88 8.68 -30.43
CA PRO C 114 13.15 8.55 -29.69
C PRO C 114 13.88 9.86 -29.43
N GLU C 115 13.59 10.93 -30.17
CA GLU C 115 14.28 12.20 -30.00
C GLU C 115 13.42 13.23 -29.30
N ASN C 116 12.25 12.83 -28.80
CA ASN C 116 11.30 13.74 -28.17
C ASN C 116 10.67 13.15 -26.91
N PHE C 117 11.16 12.01 -26.45
CA PHE C 117 10.59 11.31 -25.31
C PHE C 117 11.72 10.63 -24.59
N PHE C 118 11.89 10.91 -23.29
CA PHE C 118 13.06 10.43 -22.56
C PHE C 118 12.65 9.91 -21.20
N LEU C 119 13.37 8.89 -20.76
CA LEU C 119 13.15 8.21 -19.49
C LEU C 119 14.47 8.12 -18.75
N LEU C 120 14.50 8.66 -17.52
CA LEU C 120 15.63 8.46 -16.63
C LEU C 120 15.38 7.26 -15.74
N ARG C 121 16.47 6.74 -15.15
CA ARG C 121 16.41 5.61 -14.23
C ARG C 121 16.10 6.09 -12.82
N GLY C 122 15.10 5.47 -12.18
CA GLY C 122 14.80 5.71 -10.78
C GLY C 122 15.32 4.56 -9.92
N ASN C 123 15.27 4.73 -8.58
CA ASN C 123 15.82 3.65 -7.76
C ASN C 123 15.00 2.37 -7.85
N HIS C 124 13.76 2.45 -8.35
CA HIS C 124 12.96 1.24 -8.51
C HIS C 124 13.18 0.52 -9.84
N GLU C 125 13.92 1.12 -10.78
CA GLU C 125 14.31 0.40 -11.99
C GLU C 125 15.62 -0.36 -11.72
N CYS C 126 15.49 -1.30 -10.80
CA CYS C 126 16.61 -2.01 -10.20
C CYS C 126 16.06 -3.32 -9.64
N ALA C 127 16.65 -4.45 -10.04
CA ALA C 127 16.02 -5.73 -9.75
C ALA C 127 15.91 -5.98 -8.25
N SER C 128 16.94 -5.59 -7.47
CA SER C 128 16.92 -5.89 -6.05
C SER C 128 15.83 -5.13 -5.33
N ILE C 129 15.42 -3.97 -5.86
CA ILE C 129 14.34 -3.19 -5.31
C ILE C 129 12.98 -3.67 -5.82
N ASN C 130 12.81 -3.80 -7.14
CA ASN C 130 11.47 -4.12 -7.62
C ASN C 130 11.14 -5.59 -7.46
N ARG C 131 12.12 -6.42 -7.07
CA ARG C 131 11.82 -7.76 -6.57
C ARG C 131 10.87 -7.71 -5.38
N ILE C 132 11.00 -6.70 -4.53
CA ILE C 132 10.32 -6.65 -3.24
C ILE C 132 9.05 -5.81 -3.30
N TYR C 133 9.04 -4.72 -4.05
CA TYR C 133 7.98 -3.72 -3.89
C TYR C 133 6.91 -3.80 -4.99
N GLY C 134 6.88 -4.86 -5.77
CA GLY C 134 5.68 -5.14 -6.54
C GLY C 134 5.88 -5.66 -7.94
N PHE C 135 6.90 -5.16 -8.63
CA PHE C 135 6.99 -5.40 -10.07
C PHE C 135 7.26 -6.86 -10.38
N TYR C 136 8.10 -7.51 -9.57
CA TYR C 136 8.33 -8.95 -9.73
C TYR C 136 7.02 -9.72 -9.58
N ASP C 137 6.27 -9.47 -8.50
CA ASP C 137 5.01 -10.18 -8.31
C ASP C 137 4.06 -9.94 -9.46
N GLU C 138 4.04 -8.72 -9.99
CA GLU C 138 3.15 -8.43 -11.11
C GLU C 138 3.60 -9.17 -12.35
N CYS C 139 4.90 -9.14 -12.65
CA CYS C 139 5.45 -9.88 -13.79
C CYS C 139 5.18 -11.37 -13.66
N LYS C 140 5.44 -11.93 -12.48
CA LYS C 140 5.24 -13.36 -12.29
C LYS C 140 3.77 -13.74 -12.40
N ARG C 141 2.89 -12.90 -11.86
CA ARG C 141 1.46 -13.19 -11.91
C ARG C 141 0.94 -13.17 -13.34
N ARG C 142 1.30 -12.16 -14.11
CA ARG C 142 0.65 -11.94 -15.40
C ARG C 142 1.46 -12.45 -16.57
N TYR C 143 2.76 -12.70 -16.37
CA TYR C 143 3.62 -13.28 -17.39
C TYR C 143 4.48 -14.35 -16.74
N ASN C 144 5.77 -14.11 -16.62
CA ASN C 144 6.66 -15.09 -15.98
C ASN C 144 7.93 -14.39 -15.53
N ILE C 145 8.79 -15.17 -14.87
CA ILE C 145 10.04 -14.67 -14.31
C ILE C 145 10.98 -14.17 -15.40
N LYS C 146 11.06 -14.90 -16.52
CA LYS C 146 12.02 -14.54 -17.56
C LYS C 146 11.72 -13.16 -18.15
N LEU C 147 10.44 -12.79 -18.25
CA LEU C 147 10.13 -11.43 -18.71
C LEU C 147 10.61 -10.38 -17.72
N TRP C 148 10.53 -10.68 -16.43
CA TRP C 148 11.06 -9.75 -15.43
C TRP C 148 12.56 -9.54 -15.62
N LYS C 149 13.30 -10.63 -15.86
CA LYS C 149 14.73 -10.51 -16.13
C LYS C 149 14.98 -9.69 -17.40
N THR C 150 14.11 -9.82 -18.39
CA THR C 150 14.21 -8.98 -19.57
C THR C 150 14.01 -7.51 -19.23
N PHE C 151 13.03 -7.20 -18.37
CA PHE C 151 12.86 -5.81 -17.96
C PHE C 151 14.12 -5.29 -17.26
N THR C 152 14.71 -6.11 -16.38
CA THR C 152 15.94 -5.75 -15.68
C THR C 152 17.07 -5.40 -16.66
N ASP C 153 17.29 -6.24 -17.68
N ASP C 153 17.28 -6.22 -17.68
CA ASP C 153 18.31 -5.95 -18.69
CA ASP C 153 18.32 -5.95 -18.67
C ASP C 153 18.06 -4.62 -19.37
C ASP C 153 18.07 -4.64 -19.40
N CYS C 154 16.79 -4.30 -19.63
CA CYS C 154 16.45 -3.01 -20.20
C CYS C 154 16.71 -1.89 -19.22
N PHE C 155 16.24 -2.04 -17.98
CA PHE C 155 16.43 -1.03 -16.95
C PHE C 155 17.89 -0.73 -16.70
N ASN C 156 18.75 -1.76 -16.79
CA ASN C 156 20.18 -1.59 -16.58
C ASN C 156 20.82 -0.67 -17.60
N CYS C 157 20.10 -0.27 -18.66
CA CYS C 157 20.63 0.61 -19.69
C CYS C 157 19.98 1.99 -19.67
N LEU C 158 19.09 2.29 -18.72
CA LEU C 158 18.45 3.59 -18.70
C LEU C 158 19.50 4.68 -18.48
N PRO C 159 19.35 5.84 -19.13
CA PRO C 159 20.20 6.99 -18.77
C PRO C 159 19.97 7.40 -17.32
N ILE C 160 20.90 8.19 -16.79
CA ILE C 160 20.97 8.47 -15.37
C ILE C 160 20.57 9.91 -15.06
N ALA C 161 20.93 10.85 -15.91
CA ALA C 161 20.67 12.26 -15.65
C ALA C 161 20.39 12.96 -16.96
N ALA C 162 19.88 14.18 -16.86
CA ALA C 162 19.70 15.05 -18.02
C ALA C 162 19.96 16.48 -17.59
N ILE C 163 20.34 17.30 -18.56
CA ILE C 163 20.52 18.73 -18.37
C ILE C 163 19.76 19.45 -19.48
N VAL C 164 18.80 20.29 -19.09
CA VAL C 164 17.95 20.99 -20.03
C VAL C 164 18.56 22.37 -20.31
N ASP C 165 19.04 22.55 -21.55
CA ASP C 165 19.61 23.82 -22.02
C ASP C 165 20.68 24.37 -21.08
N GLU C 166 21.51 23.46 -20.55
CA GLU C 166 22.66 23.79 -19.71
C GLU C 166 22.25 24.54 -18.44
N LYS C 167 20.99 24.41 -18.01
CA LYS C 167 20.53 25.14 -16.84
C LYS C 167 19.77 24.31 -15.80
N ILE C 168 19.03 23.28 -16.19
CA ILE C 168 18.24 22.47 -15.25
C ILE C 168 18.87 21.09 -15.21
N PHE C 169 19.48 20.74 -14.07
CA PHE C 169 20.06 19.42 -13.89
C PHE C 169 19.00 18.48 -13.30
N CYS C 170 18.76 17.36 -14.00
CA CYS C 170 17.66 16.45 -13.69
C CYS C 170 18.18 15.05 -13.37
N CYS C 171 17.71 14.49 -12.27
CA CYS C 171 17.99 13.10 -11.90
C CYS C 171 16.90 12.65 -10.94
N HIS C 172 16.85 11.34 -10.70
CA HIS C 172 15.75 10.83 -9.88
C HIS C 172 15.91 11.24 -8.41
N GLY C 173 17.05 10.90 -7.82
CA GLY C 173 17.29 11.17 -6.41
C GLY C 173 17.85 12.56 -6.18
N GLY C 174 19.17 12.70 -6.25
CA GLY C 174 19.76 13.99 -5.99
C GLY C 174 21.27 14.03 -6.08
N LEU C 175 21.89 14.98 -5.39
CA LEU C 175 23.32 15.20 -5.56
C LEU C 175 24.12 14.12 -4.83
N SER C 176 25.41 14.10 -5.12
CA SER C 176 26.32 13.13 -4.57
C SER C 176 27.54 13.83 -4.00
N PRO C 177 28.07 13.36 -2.86
CA PRO C 177 29.35 13.90 -2.39
C PRO C 177 30.51 13.51 -3.28
N ASP C 178 30.31 12.61 -4.24
CA ASP C 178 31.32 12.20 -5.19
C ASP C 178 31.18 12.87 -6.55
N LEU C 179 30.18 13.73 -6.73
CA LEU C 179 29.92 14.35 -8.03
C LEU C 179 30.62 15.70 -8.09
N GLN C 180 31.77 15.75 -8.75
CA GLN C 180 32.46 17.02 -8.98
C GLN C 180 32.51 17.43 -10.45
N SER C 181 32.37 16.49 -11.37
CA SER C 181 32.45 16.76 -12.80
C SER C 181 31.31 16.03 -13.51
N MET C 182 30.70 16.71 -14.47
CA MET C 182 29.70 16.05 -15.31
C MET C 182 30.29 14.88 -16.09
N GLU C 183 31.60 14.88 -16.35
CA GLU C 183 32.22 13.75 -17.02
C GLU C 183 32.15 12.48 -16.19
N GLN C 184 32.04 12.59 -14.86
CA GLN C 184 31.89 11.40 -14.04
C GLN C 184 30.62 10.65 -14.37
N ILE C 185 29.53 11.37 -14.63
CA ILE C 185 28.30 10.71 -15.07
C ILE C 185 28.47 10.11 -16.45
N ARG C 186 29.13 10.84 -17.36
CA ARG C 186 29.32 10.36 -18.73
C ARG C 186 30.17 9.10 -18.81
N ARG C 187 30.98 8.83 -17.78
CA ARG C 187 31.85 7.66 -17.78
C ARG C 187 31.19 6.41 -17.22
N ILE C 188 29.97 6.51 -16.70
CA ILE C 188 29.30 5.33 -16.17
C ILE C 188 28.97 4.37 -17.31
N MET C 189 29.30 3.10 -17.11
CA MET C 189 29.17 2.07 -18.14
C MET C 189 27.83 1.38 -18.06
N ARG C 190 27.22 1.12 -19.22
CA ARG C 190 25.93 0.43 -19.30
C ARG C 190 26.04 -0.81 -20.17
N PRO C 191 25.36 -1.90 -19.82
CA PRO C 191 24.45 -2.04 -18.67
C PRO C 191 25.16 -1.98 -17.32
N THR C 192 24.46 -1.51 -16.29
CA THR C 192 24.98 -1.59 -14.94
C THR C 192 23.82 -1.79 -13.98
N ASP C 193 24.06 -2.54 -12.92
CA ASP C 193 23.15 -2.52 -11.78
C ASP C 193 23.37 -1.22 -10.99
N VAL C 194 22.51 -0.96 -10.04
CA VAL C 194 22.67 0.18 -9.14
C VAL C 194 23.44 -0.31 -7.91
N PRO C 195 24.62 0.24 -7.64
CA PRO C 195 25.38 -0.20 -6.46
C PRO C 195 24.76 0.34 -5.18
N ASP C 196 25.26 -0.15 -4.05
CA ASP C 196 24.76 0.25 -2.74
C ASP C 196 25.39 1.53 -2.22
N GLN C 197 26.42 2.06 -2.87
CA GLN C 197 26.95 3.37 -2.54
C GLN C 197 27.73 3.91 -3.73
N GLY C 198 28.02 5.20 -3.66
CA GLY C 198 28.77 5.88 -4.70
C GLY C 198 27.87 6.75 -5.56
N LEU C 199 28.49 7.33 -6.58
CA LEU C 199 27.85 8.32 -7.45
C LEU C 199 26.51 7.83 -7.97
N LEU C 200 26.50 6.65 -8.61
CA LEU C 200 25.27 6.18 -9.26
C LEU C 200 24.17 5.96 -8.24
N CYS C 201 24.53 5.44 -7.08
CA CYS C 201 23.53 5.25 -6.02
C CYS C 201 22.95 6.59 -5.56
N ASP C 202 23.81 7.57 -5.27
CA ASP C 202 23.34 8.86 -4.77
C ASP C 202 22.41 9.54 -5.78
N LEU C 203 22.80 9.50 -7.07
CA LEU C 203 21.96 10.08 -8.11
C LEU C 203 20.56 9.49 -8.12
N LEU C 204 20.39 8.24 -7.73
CA LEU C 204 19.07 7.63 -7.69
C LEU C 204 18.43 7.62 -6.30
N TRP C 205 19.16 7.97 -5.25
CA TRP C 205 18.69 7.72 -3.89
C TRP C 205 18.72 8.92 -2.94
N SER C 206 19.55 9.94 -3.16
CA SER C 206 19.73 10.94 -2.12
C SER C 206 18.53 11.89 -2.04
N ASP C 207 18.40 12.55 -0.88
CA ASP C 207 17.30 13.46 -0.60
C ASP C 207 17.82 14.80 -0.12
N PRO C 208 17.14 15.90 -0.45
CA PRO C 208 17.40 17.18 0.21
C PRO C 208 16.84 17.18 1.63
N ASP C 209 17.46 18.00 2.48
CA ASP C 209 17.00 18.12 3.86
C ASP C 209 17.46 19.49 4.35
N LYS C 210 16.51 20.37 4.64
CA LYS C 210 16.93 21.67 5.15
C LYS C 210 17.53 21.60 6.56
N ASP C 211 17.38 20.47 7.25
CA ASP C 211 17.84 20.40 8.64
C ASP C 211 19.27 19.91 8.77
N VAL C 212 19.97 19.68 7.67
CA VAL C 212 21.37 19.31 7.68
C VAL C 212 22.16 20.38 6.94
N GLN C 213 23.38 20.64 7.39
CA GLN C 213 24.16 21.72 6.78
C GLN C 213 24.87 21.23 5.52
N GLY C 214 25.65 20.17 5.64
CA GLY C 214 26.31 19.57 4.50
C GLY C 214 25.62 18.27 4.10
N TRP C 215 26.26 17.14 4.38
CA TRP C 215 25.73 15.82 4.05
C TRP C 215 25.32 15.09 5.32
N GLY C 216 24.14 14.47 5.28
CA GLY C 216 23.64 13.73 6.42
C GLY C 216 23.32 12.30 6.04
N GLU C 217 23.03 11.50 7.05
CA GLU C 217 22.62 10.13 6.81
C GLU C 217 21.16 10.09 6.38
N ASN C 218 20.84 9.11 5.54
CA ASN C 218 19.51 9.01 4.94
C ASN C 218 18.75 7.87 5.59
N ASP C 219 17.51 8.17 6.00
CA ASP C 219 16.65 7.20 6.68
C ASP C 219 16.34 5.97 5.83
N ARG C 220 16.48 6.07 4.52
CA ARG C 220 16.23 4.92 3.65
C ARG C 220 17.25 3.80 3.85
N GLY C 221 18.30 4.03 4.62
CA GLY C 221 19.36 3.05 4.75
C GLY C 221 20.36 3.07 3.61
N VAL C 222 20.17 3.97 2.64
CA VAL C 222 21.03 4.08 1.48
C VAL C 222 21.34 5.55 1.29
N SER C 223 22.55 5.86 0.81
CA SER C 223 22.90 7.19 0.34
C SER C 223 22.82 8.24 1.45
N PHE C 224 22.61 9.51 1.07
CA PHE C 224 22.77 10.63 2.00
C PHE C 224 21.63 11.61 1.82
N THR C 225 21.53 12.53 2.78
CA THR C 225 20.78 13.77 2.63
C THR C 225 21.75 14.91 2.38
N PHE C 226 21.24 15.99 1.80
CA PHE C 226 22.10 17.13 1.51
C PHE C 226 21.34 18.42 1.77
N GLY C 227 22.04 19.40 2.35
CA GLY C 227 21.43 20.65 2.74
C GLY C 227 21.43 21.71 1.64
N ALA C 228 20.79 22.84 1.97
CA ALA C 228 20.58 23.91 0.99
C ALA C 228 21.91 24.46 0.46
N GLU C 229 22.92 24.56 1.33
CA GLU C 229 24.19 25.10 0.89
C GLU C 229 24.86 24.20 -0.15
N VAL C 230 24.68 22.88 -0.03
CA VAL C 230 25.24 21.97 -1.04
C VAL C 230 24.66 22.29 -2.40
N VAL C 231 23.35 22.51 -2.47
CA VAL C 231 22.72 22.84 -3.73
C VAL C 231 23.34 24.10 -4.33
N ALA C 232 23.45 25.16 -3.53
CA ALA C 232 23.94 26.44 -4.03
C ALA C 232 25.35 26.32 -4.61
N LYS C 233 26.25 25.62 -3.92
CA LYS C 233 27.60 25.45 -4.44
C LYS C 233 27.60 24.62 -5.72
N PHE C 234 26.70 23.63 -5.83
CA PHE C 234 26.62 22.82 -7.04
C PHE C 234 26.17 23.66 -8.23
N LEU C 235 25.12 24.46 -8.04
CA LEU C 235 24.63 25.27 -9.15
C LEU C 235 25.67 26.30 -9.57
N HIS C 236 26.27 27.00 -8.59
CA HIS C 236 27.24 28.04 -8.92
C HIS C 236 28.46 27.48 -9.65
N LYS C 237 28.83 26.24 -9.37
CA LYS C 237 30.02 25.65 -9.99
C LYS C 237 29.79 25.29 -11.45
N HIS C 238 28.56 24.92 -11.82
CA HIS C 238 28.29 24.39 -13.15
C HIS C 238 27.40 25.30 -13.98
N ASP C 239 27.23 26.55 -13.56
CA ASP C 239 26.34 27.48 -14.26
C ASP C 239 24.94 26.88 -14.44
N LEU C 240 24.46 26.21 -13.39
CA LEU C 240 23.11 25.66 -13.38
C LEU C 240 22.21 26.56 -12.55
N ASP C 241 20.97 26.71 -13.00
CA ASP C 241 19.96 27.47 -12.27
C ASP C 241 19.11 26.61 -11.35
N LEU C 242 18.95 25.32 -11.66
CA LEU C 242 17.95 24.54 -10.97
C LEU C 242 18.30 23.06 -11.00
N ILE C 243 18.03 22.40 -9.88
CA ILE C 243 18.00 20.94 -9.81
C ILE C 243 16.54 20.52 -9.84
N CYS C 244 16.23 19.54 -10.69
CA CYS C 244 14.89 18.99 -10.81
C CYS C 244 14.97 17.50 -10.56
N ARG C 245 14.32 17.04 -9.51
CA ARG C 245 14.41 15.65 -9.09
C ARG C 245 13.04 15.18 -8.63
N ALA C 246 12.97 13.93 -8.19
CA ALA C 246 11.71 13.31 -7.81
C ALA C 246 11.84 12.57 -6.49
N HIS C 247 11.47 11.29 -6.45
CA HIS C 247 11.91 10.35 -5.42
C HIS C 247 11.16 10.49 -4.09
N GLN C 248 10.58 11.66 -3.79
CA GLN C 248 9.84 11.87 -2.55
C GLN C 248 8.44 12.39 -2.82
N VAL C 249 7.45 11.82 -2.13
CA VAL C 249 6.08 12.30 -2.30
C VAL C 249 5.96 13.67 -1.65
N VAL C 250 5.28 14.58 -2.34
CA VAL C 250 5.08 15.96 -1.91
C VAL C 250 3.61 16.32 -2.07
N GLU C 251 3.08 17.01 -1.08
CA GLU C 251 1.64 17.25 -1.00
C GLU C 251 1.07 17.89 -2.26
N ASP C 252 1.79 18.85 -2.84
CA ASP C 252 1.28 19.65 -3.95
C ASP C 252 1.65 19.10 -5.32
N GLY C 253 2.34 17.96 -5.37
CA GLY C 253 2.85 17.45 -6.62
C GLY C 253 4.17 18.03 -7.03
N TYR C 254 4.49 19.24 -6.59
CA TYR C 254 5.80 19.86 -6.75
C TYR C 254 6.15 20.57 -5.45
N GLU C 255 7.44 20.75 -5.19
CA GLU C 255 7.83 21.32 -3.91
C GLU C 255 9.24 21.88 -4.00
N PHE C 256 9.38 23.16 -3.66
CA PHE C 256 10.67 23.84 -3.79
C PHE C 256 11.54 23.58 -2.58
N PHE C 257 12.85 23.76 -2.78
CA PHE C 257 13.85 23.63 -1.74
C PHE C 257 14.93 24.66 -2.01
N ALA C 258 15.47 25.24 -0.94
CA ALA C 258 16.62 26.13 -1.02
C ALA C 258 16.34 27.32 -1.94
N LYS C 259 15.30 28.09 -1.58
CA LYS C 259 14.92 29.29 -2.32
C LYS C 259 14.72 29.00 -3.81
N ARG C 260 14.02 27.90 -4.07
CA ARG C 260 13.66 27.47 -5.42
C ARG C 260 14.89 27.09 -6.27
N GLN C 261 16.02 26.80 -5.63
CA GLN C 261 17.15 26.29 -6.38
C GLN C 261 17.00 24.80 -6.70
N LEU C 262 16.10 24.10 -6.02
CA LEU C 262 15.74 22.72 -6.32
C LEU C 262 14.23 22.59 -6.27
N VAL C 263 13.68 21.71 -7.10
CA VAL C 263 12.27 21.36 -7.05
C VAL C 263 12.15 19.85 -7.09
N THR C 264 11.17 19.34 -6.35
CA THR C 264 10.85 17.92 -6.30
C THR C 264 9.53 17.73 -7.03
N LEU C 265 9.52 16.82 -8.01
CA LEU C 265 8.31 16.49 -8.75
C LEU C 265 7.84 15.10 -8.34
N PHE C 266 6.54 14.97 -8.14
CA PHE C 266 5.96 13.67 -7.83
C PHE C 266 4.66 13.60 -8.61
N SER C 267 4.54 12.63 -9.50
CA SER C 267 3.49 12.64 -10.51
C SER C 267 2.41 11.61 -10.26
N ALA C 268 2.47 10.91 -9.14
CA ALA C 268 1.47 9.90 -8.77
C ALA C 268 0.56 10.48 -7.69
N PRO C 269 -0.65 10.93 -8.04
CA PRO C 269 -1.56 11.45 -6.99
C PRO C 269 -2.08 10.32 -6.12
N ASN C 270 -2.49 10.69 -4.90
CA ASN C 270 -3.00 9.75 -3.92
C ASN C 270 -2.08 8.52 -3.81
N TYR C 271 -0.78 8.79 -3.66
CA TYR C 271 0.27 7.77 -3.77
C TYR C 271 -0.01 6.56 -2.89
N CYS C 272 -0.01 5.37 -3.51
CA CYS C 272 -0.22 4.08 -2.87
C CYS C 272 -1.65 3.87 -2.37
N GLY C 273 -2.52 4.86 -2.56
CA GLY C 273 -3.74 4.92 -1.78
C GLY C 273 -3.52 5.34 -0.34
N GLU C 274 -2.29 5.63 0.05
CA GLU C 274 -1.96 5.99 1.43
C GLU C 274 -1.96 7.51 1.63
N PHE C 275 -1.18 8.23 0.83
CA PHE C 275 -1.09 9.67 0.92
C PHE C 275 -2.24 10.31 0.14
N ASP C 276 -2.47 11.59 0.40
CA ASP C 276 -3.53 12.34 -0.25
C ASP C 276 -2.98 13.46 -1.13
N ASN C 277 -1.82 13.23 -1.72
CA ASN C 277 -1.07 14.23 -2.45
C ASN C 277 -1.59 14.42 -3.87
N ALA C 278 -1.31 15.59 -4.42
CA ALA C 278 -1.47 15.81 -5.84
C ALA C 278 -0.27 15.25 -6.61
N GLY C 279 -0.43 15.10 -7.91
CA GLY C 279 0.68 14.85 -8.82
C GLY C 279 0.83 16.01 -9.78
N ALA C 280 2.07 16.32 -10.15
CA ALA C 280 2.32 17.45 -11.04
C ALA C 280 3.43 17.11 -12.02
N MET C 281 3.44 17.82 -13.12
CA MET C 281 4.58 17.84 -14.03
C MET C 281 4.97 19.29 -14.27
N MET C 282 6.25 19.51 -14.51
CA MET C 282 6.77 20.86 -14.73
C MET C 282 6.90 21.13 -16.23
N SER C 283 6.15 22.11 -16.71
CA SER C 283 6.24 22.56 -18.09
C SER C 283 7.34 23.62 -18.20
N VAL C 284 8.30 23.37 -19.08
CA VAL C 284 9.45 24.26 -19.29
C VAL C 284 9.34 24.79 -20.72
N ASP C 285 9.10 26.09 -20.88
CA ASP C 285 8.95 26.64 -22.22
C ASP C 285 10.32 27.02 -22.79
N GLU C 286 10.34 27.51 -24.03
CA GLU C 286 11.62 27.72 -24.71
C GLU C 286 12.47 28.80 -24.04
N THR C 287 11.86 29.74 -23.33
CA THR C 287 12.63 30.71 -22.55
C THR C 287 13.03 30.18 -21.19
N LEU C 288 12.75 28.90 -20.89
CA LEU C 288 13.03 28.26 -19.61
C LEU C 288 12.16 28.78 -18.46
N MET C 289 10.97 29.31 -18.77
CA MET C 289 10.02 29.65 -17.74
CA MET C 289 10.01 29.65 -17.72
C MET C 289 9.26 28.40 -17.31
N CYS C 290 9.28 28.09 -16.03
CA CYS C 290 8.71 26.86 -15.52
C CYS C 290 7.37 27.14 -14.84
N SER C 291 6.40 26.27 -15.11
CA SER C 291 5.09 26.26 -14.47
C SER C 291 4.69 24.80 -14.27
N PHE C 292 3.58 24.59 -13.57
CA PHE C 292 3.22 23.25 -13.14
C PHE C 292 1.78 22.96 -13.53
N GLN C 293 1.57 21.75 -14.05
CA GLN C 293 0.24 21.22 -14.35
C GLN C 293 -0.03 20.10 -13.35
N ILE C 294 -1.11 20.23 -12.60
CA ILE C 294 -1.32 19.49 -11.37
C ILE C 294 -2.59 18.67 -11.48
N LEU C 295 -2.51 17.39 -11.08
CA LEU C 295 -3.68 16.53 -10.93
C LEU C 295 -3.98 16.41 -9.45
N LYS C 296 -5.12 16.97 -9.02
CA LYS C 296 -5.45 17.03 -7.60
C LYS C 296 -6.60 16.09 -7.30
N PRO C 297 -6.43 15.13 -6.39
CA PRO C 297 -7.54 14.26 -6.02
C PRO C 297 -8.67 15.05 -5.37
N ALA C 298 -9.90 14.76 -5.79
CA ALA C 298 -11.07 15.46 -5.29
C ALA C 298 -11.91 14.64 -4.32
N ASP C 299 -11.83 13.31 -4.36
CA ASP C 299 -12.62 12.48 -3.44
C ASP C 299 -11.79 11.31 -2.88
N LYS D 2 17.56 32.12 -21.54
CA LYS D 2 18.72 31.34 -21.12
C LYS D 2 18.90 31.40 -19.61
N LYS D 3 17.81 31.62 -18.88
CA LYS D 3 17.83 31.69 -17.43
C LYS D 3 16.49 31.20 -16.90
N VAL D 4 16.53 30.34 -15.88
CA VAL D 4 15.31 29.71 -15.37
C VAL D 4 14.48 30.74 -14.58
N THR D 5 13.17 30.71 -14.79
CA THR D 5 12.22 31.52 -14.04
C THR D 5 10.98 30.67 -13.78
N PHE D 6 10.21 31.05 -12.77
CA PHE D 6 8.98 30.36 -12.44
C PHE D 6 7.80 31.27 -12.69
N GLY D 7 6.90 30.84 -13.56
CA GLY D 7 5.65 31.55 -13.76
C GLY D 7 4.48 30.83 -13.14
N LEU D 8 4.40 30.86 -11.80
CA LEU D 8 3.34 30.13 -11.12
C LEU D 8 1.94 30.62 -11.49
N ASN D 9 1.82 31.85 -12.00
CA ASN D 9 0.51 32.32 -12.46
C ASN D 9 0.03 31.57 -13.70
N ARG D 10 0.84 30.66 -14.24
CA ARG D 10 0.40 29.82 -15.34
C ARG D 10 0.08 28.40 -14.89
N ASN D 11 0.29 28.09 -13.62
CA ASN D 11 -0.12 26.81 -13.08
C ASN D 11 -1.57 26.52 -13.43
N MET D 12 -1.84 25.26 -13.74
CA MET D 12 -3.21 24.81 -13.92
C MET D 12 -3.39 23.53 -13.14
N THR D 13 -4.57 23.37 -12.53
CA THR D 13 -4.87 22.23 -11.71
C THR D 13 -6.15 21.60 -12.22
N ALA D 14 -6.13 20.29 -12.38
CA ALA D 14 -7.30 19.50 -12.72
C ALA D 14 -7.66 18.64 -11.53
N GLU D 15 -8.87 18.82 -11.01
CA GLU D 15 -9.35 17.98 -9.92
C GLU D 15 -10.08 16.79 -10.51
N PHE D 16 -9.76 15.60 -10.02
CA PHE D 16 -10.32 14.39 -10.60
C PHE D 16 -10.80 13.45 -9.49
N LYS D 17 -11.83 12.69 -9.81
CA LYS D 17 -12.29 11.60 -8.96
C LYS D 17 -11.61 10.32 -9.39
N LYS D 18 -11.38 9.43 -8.42
CA LYS D 18 -10.65 8.19 -8.67
C LYS D 18 -11.28 7.37 -9.80
N THR D 19 -12.61 7.36 -9.89
CA THR D 19 -13.31 6.57 -10.90
C THR D 19 -13.52 7.32 -12.22
N ASP D 20 -13.02 8.56 -12.33
CA ASP D 20 -13.16 9.32 -13.57
C ASP D 20 -12.36 8.71 -14.70
N LYS D 21 -12.99 8.58 -15.87
CA LYS D 21 -12.26 8.20 -17.08
C LYS D 21 -11.17 9.22 -17.40
N SER D 22 -10.00 8.72 -17.84
CA SER D 22 -8.87 9.62 -18.07
C SER D 22 -9.16 10.64 -19.16
N ILE D 23 -10.05 10.32 -20.11
CA ILE D 23 -10.41 11.26 -21.16
C ILE D 23 -11.06 12.52 -20.62
N LEU D 24 -11.61 12.47 -19.40
CA LEU D 24 -12.35 13.58 -18.83
C LEU D 24 -11.56 14.27 -17.72
N VAL D 25 -10.22 14.19 -17.75
CA VAL D 25 -9.44 14.89 -16.74
C VAL D 25 -9.74 16.39 -16.77
N SER D 26 -9.95 16.99 -18.04
CA SER D 26 -10.56 18.32 -18.11
C SER D 26 -12.07 18.20 -18.29
N PRO D 27 -12.85 19.12 -17.69
CA PRO D 27 -14.31 19.02 -17.84
C PRO D 27 -14.77 18.87 -19.28
N THR D 28 -14.21 19.68 -20.19
CA THR D 28 -14.63 19.65 -21.59
C THR D 28 -14.03 18.48 -22.39
N GLY D 29 -13.24 17.62 -21.77
CA GLY D 29 -12.75 16.42 -22.43
C GLY D 29 -11.61 16.67 -23.40
N PRO D 30 -11.28 15.64 -24.18
CA PRO D 30 -10.12 15.74 -25.06
C PRO D 30 -10.25 16.89 -26.05
N SER D 31 -9.10 17.46 -26.42
CA SER D 31 -9.02 18.52 -27.40
C SER D 31 -8.33 18.10 -28.69
N ARG D 32 -7.89 16.85 -28.79
CA ARG D 32 -7.14 16.36 -29.94
C ARG D 32 -7.04 14.85 -29.84
N VAL D 33 -6.79 14.22 -30.99
CA VAL D 33 -6.64 12.76 -31.03
C VAL D 33 -5.40 12.36 -30.26
N ALA D 34 -5.53 11.32 -29.42
CA ALA D 34 -4.44 10.94 -28.53
C ALA D 34 -3.26 10.36 -29.30
N PHE D 35 -3.53 9.52 -30.29
CA PHE D 35 -2.47 8.84 -31.01
C PHE D 35 -2.81 8.74 -32.49
N ASP D 36 -1.89 9.19 -33.34
CA ASP D 36 -2.02 9.08 -34.79
C ASP D 36 -0.72 8.47 -35.27
N PRO D 37 -0.75 7.24 -35.81
CA PRO D 37 0.50 6.56 -36.19
C PRO D 37 1.38 7.34 -37.13
N GLU D 38 0.83 8.29 -37.88
CA GLU D 38 1.59 9.03 -38.88
C GLU D 38 2.10 10.37 -38.39
N GLN D 39 1.64 10.85 -37.24
CA GLN D 39 2.08 12.15 -36.74
C GLN D 39 3.58 12.13 -36.46
N LYS D 40 4.27 13.15 -36.89
CA LYS D 40 5.67 13.27 -36.61
C LYS D 40 5.92 14.36 -35.55
N PRO D 41 6.97 14.25 -34.75
CA PRO D 41 7.42 15.41 -33.98
C PRO D 41 7.99 16.46 -34.92
N LEU D 42 7.89 17.72 -34.52
CA LEU D 42 8.31 18.80 -35.41
C LEU D 42 9.83 19.02 -35.36
N HIS D 43 10.43 18.99 -34.17
CA HIS D 43 11.88 19.08 -34.03
C HIS D 43 12.32 18.23 -32.87
N GLY D 44 13.44 17.51 -33.04
CA GLY D 44 14.02 16.77 -31.94
C GLY D 44 14.62 17.71 -30.90
N VAL D 45 14.70 17.23 -29.67
CA VAL D 45 15.24 18.02 -28.57
C VAL D 45 16.49 17.42 -27.96
N LEU D 46 17.01 16.33 -28.50
CA LEU D 46 18.24 15.73 -28.00
C LEU D 46 19.42 16.36 -28.73
N LYS D 47 20.32 16.98 -27.98
CA LYS D 47 21.49 17.62 -28.57
C LYS D 47 22.61 16.59 -28.71
C1 EDO E . -5.43 5.75 44.81
O1 EDO E . -4.82 4.48 44.53
C2 EDO E . -6.53 5.59 45.87
O2 EDO E . -7.70 4.99 45.30
C1 EDO F . -1.41 -35.78 11.45
O1 EDO F . -0.55 -35.49 10.34
C2 EDO F . -0.71 -35.42 12.76
O2 EDO F . 0.43 -36.26 12.96
C1 EDO G . 5.71 -18.43 8.38
O1 EDO G . 6.90 -17.85 7.85
C2 EDO G . 5.65 -18.16 9.89
O2 EDO G . 5.69 -16.75 10.15
C1 EDO H . -12.24 -30.67 -6.79
O1 EDO H . -11.77 -31.29 -8.00
C2 EDO H . -11.94 -29.18 -6.86
O2 EDO H . -12.71 -28.59 -7.91
C1 EDO I . -0.65 9.04 10.86
O1 EDO I . -0.31 7.78 11.46
C2 EDO I . -1.66 8.83 9.74
O2 EDO I . -2.94 8.52 10.29
MN MN J . -4.39 -10.01 6.93
MN MN K . -3.60 -13.03 7.76
F F L . -22.87 -9.37 21.77
BR BR M . -17.31 -22.31 -2.90
BR BR N . 16.49 -4.02 21.79
C1 EDO O . 5.14 -5.40 -44.80
O1 EDO O . 6.41 -5.39 -44.14
C2 EDO O . 5.27 -4.59 -46.08
O2 EDO O . 5.21 -3.20 -45.74
C1 EDO P . 18.92 30.10 -9.56
O1 EDO P . 20.05 29.25 -9.32
C2 EDO P . 18.22 30.42 -8.24
O2 EDO P . 17.16 31.36 -8.46
C1 EDO Q . 2.15 14.41 0.99
O1 EDO Q . 1.28 13.41 1.57
C2 EDO Q . 3.24 14.76 1.98
O2 EDO Q . 3.91 13.53 2.35
C1 EDO R . 31.81 5.43 -6.88
O1 EDO R . 31.92 4.73 -5.62
C2 EDO R . 31.91 6.94 -6.65
O2 EDO R . 32.44 7.56 -7.84
C1 EDO S . 22.90 11.77 -29.19
O1 EDO S . 24.02 12.60 -28.86
C2 EDO S . 23.36 10.33 -29.48
O2 EDO S . 22.32 9.68 -30.22
C1 EDO T . -8.93 21.57 -15.65
O1 EDO T . -9.30 21.46 -17.03
C2 EDO T . -8.17 22.87 -15.40
O2 EDO T . -7.12 23.03 -16.37
MN MN U . 9.44 6.63 -5.86
MN MN V . 12.68 6.90 -5.85
BR BR W . 13.89 25.02 2.10
#